data_5J1I
#
_entry.id   5J1I
#
_cell.length_a   75.240
_cell.length_b   90.700
_cell.length_c   154.540
_cell.angle_alpha   90.00
_cell.angle_beta   99.13
_cell.angle_gamma   90.00
#
_symmetry.space_group_name_H-M   'C 1 2 1'
#
_entity_poly.entity_id   1
_entity_poly.type   'polypeptide(L)'
_entity_poly.pdbx_seq_one_letter_code
;GSHMQEESRCQRCISELKDIRLQLEACETRTVHRLRLPLDKEPARECAQRIAEQQKAQAEVEGLGKGVARLSAEAEKVLA
LPEPSPAAPTLRSELELTLGKLEQVRSLSAIYLEKLKTISLVIRGTQGAEEVLRAHEEQLKEAQAVPATLPELEATKASL
KKLRAQAEAQQPTFDALRDELRGAQEVGERLQQRHGERDVEVERWRERVAQLLERWQAVLAQTDVRQRELEQLGRQLRYY
RESADPLGAWLQDARRRQEQIQAMPLADSQAVREQLRQEQALLEEIERHGEKVEECQRFAKQYINAIKDYELQLVTYKAQ
LEPVASPAKKPKVQSGSESVIQEYVDLRTHYSELTTLTSQYIKFISETLRRME
;
_entity_poly.pdbx_strand_id   A,B
#
# COMPACT_ATOMS: atom_id res chain seq x y z
N SER A 8 -28.78 -31.45 -61.54
CA SER A 8 -29.88 -30.80 -60.83
C SER A 8 -29.73 -30.93 -59.32
N ARG A 9 -29.65 -32.17 -58.82
CA ARG A 9 -29.46 -32.40 -57.39
C ARG A 9 -28.00 -32.25 -56.98
N CYS A 10 -27.08 -32.55 -57.90
CA CYS A 10 -25.66 -32.28 -57.69
C CYS A 10 -25.40 -30.78 -57.56
N GLN A 11 -25.86 -30.01 -58.54
CA GLN A 11 -25.68 -28.56 -58.54
C GLN A 11 -26.37 -27.93 -57.34
N ARG A 12 -27.56 -28.43 -56.98
CA ARG A 12 -28.27 -27.90 -55.83
C ARG A 12 -27.52 -28.20 -54.54
N CYS A 13 -26.87 -29.36 -54.46
CA CYS A 13 -26.17 -29.75 -53.24
C CYS A 13 -24.87 -28.96 -53.04
N ILE A 14 -24.14 -28.68 -54.13
CA ILE A 14 -22.93 -27.85 -54.06
C ILE A 14 -23.27 -26.47 -53.53
N SER A 15 -24.33 -25.86 -54.06
CA SER A 15 -24.74 -24.53 -53.64
C SER A 15 -25.08 -24.53 -52.15
N GLU A 16 -25.83 -25.55 -51.72
CA GLU A 16 -26.24 -25.66 -50.34
C GLU A 16 -25.06 -25.95 -49.42
N LEU A 17 -24.04 -26.66 -49.94
CA LEU A 17 -22.83 -26.92 -49.18
C LEU A 17 -21.99 -25.65 -48.98
N LYS A 18 -21.89 -24.82 -50.03
CA LYS A 18 -21.16 -23.56 -49.92
C LYS A 18 -21.83 -22.62 -48.93
N ASP A 19 -23.17 -22.53 -48.99
CA ASP A 19 -23.90 -21.62 -48.10
C ASP A 19 -23.72 -22.00 -46.64
N ILE A 20 -23.79 -23.29 -46.33
CA ILE A 20 -23.70 -23.70 -44.94
C ILE A 20 -22.27 -23.55 -44.44
N ARG A 21 -21.28 -23.71 -45.33
CA ARG A 21 -19.90 -23.45 -44.93
C ARG A 21 -19.69 -21.98 -44.61
N LEU A 22 -20.27 -21.08 -45.40
CA LEU A 22 -20.22 -19.66 -45.10
C LEU A 22 -20.85 -19.35 -43.75
N GLN A 23 -21.99 -19.99 -43.45
CA GLN A 23 -22.64 -19.79 -42.18
C GLN A 23 -21.74 -20.23 -41.03
N LEU A 24 -21.08 -21.37 -41.20
CA LEU A 24 -20.16 -21.88 -40.20
C LEU A 24 -18.98 -20.93 -40.02
N GLU A 25 -18.42 -20.44 -41.14
CA GLU A 25 -17.33 -19.48 -41.07
C GLU A 25 -17.75 -18.20 -40.37
N ALA A 26 -19.01 -17.81 -40.51
CA ALA A 26 -19.49 -16.62 -39.81
C ALA A 26 -19.62 -16.88 -38.33
N CYS A 27 -20.09 -18.08 -37.96
CA CYS A 27 -20.06 -18.48 -36.55
C CYS A 27 -18.63 -18.48 -36.02
N GLU A 28 -17.67 -18.96 -36.83
CA GLU A 28 -16.27 -19.00 -36.42
C GLU A 28 -15.74 -17.61 -36.13
N THR A 29 -15.97 -16.67 -37.05
CA THR A 29 -15.42 -15.33 -36.90
C THR A 29 -16.03 -14.62 -35.70
N ARG A 30 -17.33 -14.85 -35.45
CA ARG A 30 -17.95 -14.25 -34.28
C ARG A 30 -17.34 -14.80 -33.00
N THR A 31 -17.05 -16.10 -32.96
CA THR A 31 -16.46 -16.71 -31.78
C THR A 31 -15.04 -16.20 -31.54
N VAL A 32 -14.25 -16.07 -32.60
CA VAL A 32 -12.88 -15.57 -32.47
C VAL A 32 -12.89 -14.13 -31.95
N HIS A 33 -13.78 -13.29 -32.48
CA HIS A 33 -13.84 -11.91 -31.99
C HIS A 33 -14.29 -11.87 -30.54
N ARG A 34 -15.16 -12.80 -30.13
CA ARG A 34 -15.58 -12.86 -28.73
C ARG A 34 -14.44 -13.30 -27.82
N LEU A 35 -13.72 -14.37 -28.19
CA LEU A 35 -12.70 -14.88 -27.28
C LEU A 35 -11.48 -13.97 -27.23
N ARG A 36 -11.35 -13.03 -28.16
CA ARG A 36 -10.26 -12.07 -28.17
C ARG A 36 -10.53 -10.89 -27.24
N LEU A 37 -11.74 -10.79 -26.69
CA LEU A 37 -12.21 -9.63 -25.96
C LEU A 37 -12.06 -9.84 -24.46
N PRO A 38 -11.19 -9.11 -23.77
CA PRO A 38 -11.05 -9.31 -22.33
C PRO A 38 -12.27 -8.76 -21.60
N LEU A 39 -12.49 -9.30 -20.41
CA LEU A 39 -13.54 -8.78 -19.55
C LEU A 39 -13.23 -7.34 -19.14
N ASP A 40 -14.28 -6.57 -18.92
CA ASP A 40 -14.17 -5.15 -18.59
C ASP A 40 -14.36 -4.96 -17.08
N LYS A 41 -15.18 -4.01 -16.62
CA LYS A 41 -15.24 -3.61 -15.22
C LYS A 41 -16.29 -4.37 -14.42
N GLU A 42 -16.99 -5.30 -15.06
CA GLU A 42 -17.97 -6.14 -14.38
C GLU A 42 -17.72 -7.62 -14.70
N PRO A 43 -16.54 -8.14 -14.34
CA PRO A 43 -16.12 -9.47 -14.83
C PRO A 43 -17.13 -10.57 -14.57
N ALA A 44 -17.71 -10.61 -13.36
CA ALA A 44 -18.66 -11.66 -13.03
C ALA A 44 -19.87 -11.65 -13.94
N ARG A 45 -20.54 -10.49 -14.05
CA ARG A 45 -21.73 -10.38 -14.90
C ARG A 45 -21.41 -10.63 -16.38
N GLU A 46 -20.34 -10.00 -16.89
CA GLU A 46 -19.98 -10.20 -18.30
C GLU A 46 -19.67 -11.65 -18.63
N CYS A 47 -18.95 -12.36 -17.76
CA CYS A 47 -18.59 -13.73 -18.10
C CYS A 47 -19.83 -14.61 -18.15
N ALA A 48 -20.78 -14.37 -17.24
CA ALA A 48 -22.04 -15.10 -17.26
C ALA A 48 -22.79 -14.82 -18.55
N GLN A 49 -22.84 -13.55 -18.97
CA GLN A 49 -23.52 -13.19 -20.20
C GLN A 49 -22.88 -13.87 -21.40
N ARG A 50 -21.55 -13.91 -21.42
CA ARG A 50 -20.84 -14.50 -22.54
C ARG A 50 -20.96 -16.02 -22.55
N ILE A 51 -21.07 -16.65 -21.38
CA ILE A 51 -21.29 -18.10 -21.33
C ILE A 51 -22.63 -18.43 -21.94
N ALA A 52 -23.66 -17.65 -21.59
CA ALA A 52 -25.00 -17.85 -22.14
C ALA A 52 -24.98 -17.66 -23.65
N GLU A 53 -24.34 -16.58 -24.12
CA GLU A 53 -24.21 -16.32 -25.55
C GLU A 53 -23.46 -17.46 -26.23
N GLN A 54 -22.41 -17.97 -25.60
CA GLN A 54 -21.63 -19.03 -26.23
C GLN A 54 -22.41 -20.34 -26.23
N GLN A 55 -23.25 -20.57 -25.22
CA GLN A 55 -24.14 -21.74 -25.26
C GLN A 55 -25.11 -21.64 -26.43
N LYS A 56 -25.62 -20.42 -26.68
CA LYS A 56 -26.53 -20.22 -27.81
C LYS A 56 -25.78 -20.33 -29.13
N ALA A 57 -24.53 -19.86 -29.16
CA ALA A 57 -23.70 -19.99 -30.36
C ALA A 57 -23.37 -21.44 -30.64
N GLN A 58 -23.09 -22.21 -29.58
CA GLN A 58 -22.76 -23.62 -29.76
C GLN A 58 -23.95 -24.39 -30.30
N ALA A 59 -25.16 -24.02 -29.88
CA ALA A 59 -26.35 -24.68 -30.40
C ALA A 59 -26.60 -24.29 -31.85
N GLU A 60 -26.31 -23.04 -32.22
CA GLU A 60 -26.38 -22.61 -33.61
C GLU A 60 -25.47 -23.43 -34.51
N VAL A 61 -24.23 -23.67 -34.07
CA VAL A 61 -23.28 -24.48 -34.84
C VAL A 61 -23.80 -25.90 -34.97
N GLU A 62 -24.35 -26.45 -33.88
CA GLU A 62 -24.88 -27.81 -33.89
C GLU A 62 -26.08 -27.91 -34.83
N GLY A 63 -26.89 -26.85 -34.90
CA GLY A 63 -27.96 -26.82 -35.89
C GLY A 63 -27.41 -26.90 -37.30
N LEU A 64 -26.32 -26.17 -37.56
CA LEU A 64 -25.67 -26.23 -38.85
C LEU A 64 -25.10 -27.62 -39.10
N GLY A 65 -24.70 -28.31 -38.03
CA GLY A 65 -24.19 -29.65 -38.18
C GLY A 65 -25.24 -30.62 -38.70
N LYS A 66 -26.52 -30.35 -38.38
CA LYS A 66 -27.60 -31.20 -38.88
C LYS A 66 -27.81 -30.93 -40.37
N GLY A 67 -27.64 -29.68 -40.79
CA GLY A 67 -27.71 -29.36 -42.21
C GLY A 67 -26.61 -30.05 -42.98
N VAL A 68 -25.39 -30.04 -42.45
CA VAL A 68 -24.26 -30.68 -43.12
C VAL A 68 -24.49 -32.19 -43.26
N ALA A 69 -25.02 -32.83 -42.21
CA ALA A 69 -25.29 -34.27 -42.28
C ALA A 69 -26.33 -34.60 -43.35
N ARG A 70 -27.36 -33.75 -43.49
CA ARG A 70 -28.34 -33.96 -44.55
C ARG A 70 -27.71 -33.82 -45.92
N LEU A 71 -26.96 -32.73 -46.11
CA LEU A 71 -26.32 -32.47 -47.39
C LEU A 71 -25.29 -33.55 -47.73
N SER A 72 -24.63 -34.11 -46.71
CA SER A 72 -23.67 -35.18 -46.96
C SER A 72 -24.36 -36.45 -47.46
N ALA A 73 -25.49 -36.82 -46.86
CA ALA A 73 -26.24 -37.99 -47.33
C ALA A 73 -26.74 -37.82 -48.77
N GLU A 74 -27.27 -36.63 -49.10
CA GLU A 74 -27.75 -36.39 -50.45
C GLU A 74 -26.61 -36.43 -51.47
N ALA A 75 -25.47 -35.83 -51.12
CA ALA A 75 -24.30 -35.85 -51.98
C ALA A 75 -23.88 -37.28 -52.29
N GLU A 76 -23.82 -38.13 -51.26
CA GLU A 76 -23.34 -39.49 -51.45
C GLU A 76 -24.28 -40.27 -52.35
N LYS A 77 -25.57 -39.91 -52.32
CA LYS A 77 -26.55 -40.57 -53.18
C LYS A 77 -26.30 -40.19 -54.64
N VAL A 78 -26.01 -38.91 -54.88
CA VAL A 78 -25.72 -38.43 -56.22
C VAL A 78 -24.40 -39.00 -56.74
N LEU A 79 -23.37 -39.04 -55.87
CA LEU A 79 -22.04 -39.50 -56.26
C LEU A 79 -22.01 -40.98 -56.61
N ALA A 80 -23.00 -41.75 -56.16
CA ALA A 80 -23.03 -43.18 -56.44
C ALA A 80 -23.65 -43.51 -57.79
N LEU A 81 -24.30 -42.54 -58.43
CA LEU A 81 -24.93 -42.72 -59.72
C LEU A 81 -23.91 -43.08 -60.81
N SER A 85 -20.19 -38.42 -64.22
CA SER A 85 -20.55 -37.13 -63.67
C SER A 85 -19.32 -36.23 -63.53
N PRO A 86 -19.09 -35.37 -64.52
CA PRO A 86 -17.94 -34.43 -64.46
C PRO A 86 -17.97 -33.48 -63.27
N ALA A 87 -19.13 -33.30 -62.63
CA ALA A 87 -19.23 -32.42 -61.47
C ALA A 87 -18.74 -33.07 -60.19
N ALA A 88 -18.55 -34.39 -60.18
CA ALA A 88 -18.24 -35.09 -58.93
C ALA A 88 -16.98 -34.61 -58.21
N PRO A 89 -15.84 -34.33 -58.87
CA PRO A 89 -14.69 -33.80 -58.10
C PRO A 89 -15.00 -32.52 -57.35
N THR A 90 -15.80 -31.63 -57.93
CA THR A 90 -16.19 -30.41 -57.23
C THR A 90 -17.08 -30.71 -56.04
N LEU A 91 -18.06 -31.61 -56.22
CA LEU A 91 -18.96 -32.00 -55.13
C LEU A 91 -18.19 -32.63 -53.97
N ARG A 92 -17.28 -33.56 -54.26
CA ARG A 92 -16.48 -34.19 -53.22
C ARG A 92 -15.62 -33.18 -52.47
N SER A 93 -14.94 -32.31 -53.23
CA SER A 93 -14.08 -31.29 -52.63
C SER A 93 -14.86 -30.36 -51.72
N GLU A 94 -15.99 -29.83 -52.23
CA GLU A 94 -16.83 -28.91 -51.46
C GLU A 94 -17.36 -29.60 -50.22
N LEU A 95 -17.71 -30.88 -50.33
CA LEU A 95 -18.16 -31.63 -49.17
C LEU A 95 -17.06 -31.69 -48.12
N GLU A 96 -15.83 -32.00 -48.53
CA GLU A 96 -14.71 -32.12 -47.59
C GLU A 96 -14.38 -30.78 -46.95
N LEU A 97 -14.47 -29.69 -47.70
CA LEU A 97 -14.28 -28.36 -47.12
C LEU A 97 -15.31 -28.07 -46.04
N THR A 98 -16.58 -28.43 -46.28
CA THR A 98 -17.63 -28.11 -45.32
C THR A 98 -17.50 -28.97 -44.08
N LEU A 99 -17.17 -30.25 -44.28
CA LEU A 99 -16.97 -31.14 -43.14
C LEU A 99 -15.79 -30.67 -42.32
N GLY A 100 -14.70 -30.24 -42.98
CA GLY A 100 -13.54 -29.79 -42.25
C GLY A 100 -13.82 -28.53 -41.45
N LYS A 101 -14.55 -27.58 -42.04
CA LYS A 101 -14.87 -26.35 -41.34
C LYS A 101 -15.82 -26.59 -40.16
N LEU A 102 -16.82 -27.47 -40.34
CA LEU A 102 -17.72 -27.83 -39.24
C LEU A 102 -16.95 -28.34 -38.02
N GLU A 103 -16.02 -29.27 -38.22
CA GLU A 103 -15.29 -29.85 -37.10
C GLU A 103 -14.43 -28.79 -36.41
N GLN A 104 -13.84 -27.88 -37.19
CA GLN A 104 -13.04 -26.81 -36.60
C GLN A 104 -13.88 -25.87 -35.76
N VAL A 105 -15.04 -25.45 -36.28
CA VAL A 105 -15.90 -24.55 -35.52
C VAL A 105 -16.50 -25.26 -34.32
N ARG A 106 -16.80 -26.55 -34.44
CA ARG A 106 -17.28 -27.32 -33.29
C ARG A 106 -16.24 -27.35 -32.20
N SER A 107 -14.99 -27.66 -32.56
CA SER A 107 -13.91 -27.69 -31.61
C SER A 107 -13.73 -26.35 -30.90
N LEU A 108 -13.65 -25.27 -31.68
CA LEU A 108 -13.45 -23.94 -31.09
C LEU A 108 -14.61 -23.54 -30.17
N SER A 109 -15.86 -23.78 -30.60
CA SER A 109 -17.01 -23.45 -29.77
C SER A 109 -16.97 -24.16 -28.43
N ALA A 110 -16.59 -25.43 -28.43
CA ALA A 110 -16.61 -26.21 -27.20
C ALA A 110 -15.49 -25.78 -26.27
N ILE A 111 -14.29 -25.55 -26.82
CA ILE A 111 -13.15 -25.20 -25.98
C ILE A 111 -13.31 -23.79 -25.43
N TYR A 112 -13.86 -22.87 -26.23
CA TYR A 112 -14.07 -21.51 -25.74
C TYR A 112 -15.13 -21.49 -24.65
N LEU A 113 -16.20 -22.28 -24.81
CA LEU A 113 -17.19 -22.39 -23.75
C LEU A 113 -16.53 -22.91 -22.48
N GLU A 114 -15.67 -23.92 -22.63
CA GLU A 114 -14.89 -24.45 -21.51
C GLU A 114 -14.04 -23.35 -20.85
N LYS A 115 -13.38 -22.53 -21.66
CA LYS A 115 -12.56 -21.44 -21.12
C LYS A 115 -13.40 -20.48 -20.29
N LEU A 116 -14.55 -20.09 -20.81
CA LEU A 116 -15.41 -19.15 -20.08
C LEU A 116 -15.85 -19.73 -18.75
N LYS A 117 -16.21 -21.02 -18.74
CA LYS A 117 -16.68 -21.64 -17.51
C LYS A 117 -15.59 -21.70 -16.46
N THR A 118 -14.35 -22.07 -16.86
CA THR A 118 -13.28 -22.19 -15.88
C THR A 118 -12.91 -20.82 -15.31
N ILE A 119 -12.93 -19.79 -16.16
CA ILE A 119 -12.67 -18.43 -15.72
C ILE A 119 -13.76 -17.98 -14.75
N SER A 120 -15.01 -18.38 -15.02
CA SER A 120 -16.11 -17.98 -14.16
C SER A 120 -15.88 -18.47 -12.73
N LEU A 121 -15.29 -19.67 -12.58
CA LEU A 121 -15.03 -20.21 -11.24
C LEU A 121 -13.95 -19.40 -10.55
N VAL A 122 -12.97 -18.95 -11.32
CA VAL A 122 -11.88 -18.15 -10.78
C VAL A 122 -12.41 -16.80 -10.36
N ILE A 123 -13.25 -16.18 -11.20
CA ILE A 123 -13.85 -14.90 -10.84
C ILE A 123 -14.57 -15.03 -9.51
N ARG A 124 -15.47 -16.01 -9.41
CA ARG A 124 -16.18 -16.25 -8.16
C ARG A 124 -15.23 -16.51 -7.01
N GLY A 125 -14.23 -17.37 -7.23
CA GLY A 125 -13.30 -17.70 -6.15
C GLY A 125 -12.52 -16.52 -5.63
N THR A 126 -11.99 -15.69 -6.52
CA THR A 126 -11.24 -14.52 -6.05
C THR A 126 -12.15 -13.53 -5.34
N GLN A 127 -13.38 -13.35 -5.82
CA GLN A 127 -14.29 -12.42 -5.19
C GLN A 127 -14.70 -12.91 -3.80
N GLY A 128 -14.81 -14.23 -3.63
CA GLY A 128 -15.09 -14.76 -2.32
C GLY A 128 -13.91 -14.60 -1.38
N ALA A 129 -12.70 -14.84 -1.89
CA ALA A 129 -11.50 -14.70 -1.05
C ALA A 129 -11.30 -13.25 -0.63
N GLU A 130 -11.70 -12.29 -1.47
CA GLU A 130 -11.59 -10.87 -1.11
C GLU A 130 -12.40 -10.61 0.15
N GLU A 131 -13.66 -11.08 0.17
CA GLU A 131 -14.52 -10.86 1.34
C GLU A 131 -13.97 -11.53 2.57
N VAL A 132 -13.36 -12.72 2.41
CA VAL A 132 -12.75 -13.37 3.55
C VAL A 132 -11.55 -12.56 4.02
N LEU A 133 -10.74 -12.08 3.07
CA LEU A 133 -9.60 -11.26 3.42
C LEU A 133 -10.03 -9.96 4.08
N ARG A 134 -11.08 -9.33 3.55
CA ARG A 134 -11.58 -8.10 4.15
C ARG A 134 -11.98 -8.30 5.60
N ALA A 135 -12.58 -9.44 5.92
CA ALA A 135 -13.01 -9.65 7.30
C ALA A 135 -11.82 -9.77 8.23
N HIS A 136 -10.86 -10.63 7.88
CA HIS A 136 -9.70 -10.82 8.76
C HIS A 136 -8.86 -9.56 8.86
N GLU A 137 -8.65 -8.86 7.74
CA GLU A 137 -7.82 -7.65 7.78
C GLU A 137 -8.45 -6.56 8.63
N GLU A 138 -9.78 -6.53 8.70
CA GLU A 138 -10.45 -5.51 9.52
C GLU A 138 -10.33 -5.82 11.01
N GLN A 139 -10.49 -7.07 11.43
CA GLN A 139 -10.25 -7.36 12.85
C GLN A 139 -8.84 -6.96 13.24
N LEU A 140 -7.86 -7.22 12.37
CA LEU A 140 -6.50 -6.84 12.71
C LEU A 140 -6.42 -5.32 12.80
N LYS A 141 -6.98 -4.62 11.80
CA LYS A 141 -7.03 -3.15 11.84
C LYS A 141 -7.74 -2.64 13.08
N GLU A 142 -8.83 -3.31 13.48
CA GLU A 142 -9.74 -2.73 14.45
C GLU A 142 -9.12 -2.63 15.85
N ALA A 143 -8.38 -3.67 16.26
CA ALA A 143 -7.92 -3.79 17.65
C ALA A 143 -6.76 -2.83 17.87
N GLN A 144 -7.12 -1.55 18.09
CA GLN A 144 -6.11 -0.52 18.24
C GLN A 144 -5.60 -0.43 19.68
N ALA A 145 -6.49 -0.58 20.67
CA ALA A 145 -6.11 -0.36 22.05
C ALA A 145 -5.24 -1.51 22.58
N VAL A 146 -4.25 -1.16 23.38
CA VAL A 146 -3.34 -2.13 23.98
C VAL A 146 -3.92 -2.63 25.31
N PRO A 147 -3.63 -3.87 25.70
CA PRO A 147 -4.12 -4.36 27.01
C PRO A 147 -3.42 -3.66 28.17
N ALA A 148 -4.23 -3.19 29.12
CA ALA A 148 -3.73 -2.50 30.31
C ALA A 148 -3.53 -3.44 31.49
N THR A 149 -4.33 -4.52 31.57
CA THR A 149 -4.36 -5.40 32.73
C THR A 149 -4.26 -6.85 32.26
N LEU A 150 -3.96 -7.73 33.21
CA LEU A 150 -3.94 -9.16 32.94
C LEU A 150 -5.25 -9.70 32.39
N PRO A 151 -6.44 -9.36 32.92
CA PRO A 151 -7.67 -9.84 32.28
C PRO A 151 -7.90 -9.27 30.89
N GLU A 152 -7.52 -8.01 30.64
CA GLU A 152 -7.68 -7.46 29.30
C GLU A 152 -6.76 -8.15 28.31
N LEU A 153 -5.58 -8.56 28.79
CA LEU A 153 -4.63 -9.30 27.97
C LEU A 153 -5.22 -10.62 27.50
N GLU A 154 -5.79 -11.40 28.41
CA GLU A 154 -6.36 -12.69 28.04
C GLU A 154 -7.49 -12.54 27.03
N ALA A 155 -8.23 -11.44 27.09
CA ALA A 155 -9.30 -11.22 26.13
C ALA A 155 -8.74 -10.96 24.74
N THR A 156 -7.68 -10.15 24.66
CA THR A 156 -7.05 -9.88 23.37
C THR A 156 -6.51 -11.17 22.75
N LYS A 157 -5.84 -12.00 23.56
CA LYS A 157 -5.34 -13.29 23.09
C LYS A 157 -6.47 -14.17 22.57
N ALA A 158 -7.60 -14.20 23.29
CA ALA A 158 -8.73 -15.00 22.83
C ALA A 158 -9.22 -14.53 21.46
N SER A 159 -9.34 -13.22 21.25
CA SER A 159 -9.82 -12.74 19.96
C SER A 159 -8.85 -13.12 18.84
N LEU A 160 -7.55 -13.09 19.11
CA LEU A 160 -6.57 -13.48 18.09
C LEU A 160 -6.57 -14.99 17.90
N LYS A 161 -6.82 -15.75 18.97
CA LYS A 161 -6.88 -17.20 18.86
C LYS A 161 -8.04 -17.60 17.96
N LYS A 162 -9.19 -16.94 18.15
CA LYS A 162 -10.35 -17.19 17.28
C LYS A 162 -9.99 -16.85 15.85
N LEU A 163 -9.39 -15.68 15.65
CA LEU A 163 -9.04 -15.23 14.31
C LEU A 163 -8.14 -16.27 13.67
N ARG A 164 -7.14 -16.75 14.42
CA ARG A 164 -6.19 -17.75 13.92
C ARG A 164 -6.94 -18.99 13.48
N ALA A 165 -7.87 -19.47 14.31
CA ALA A 165 -8.68 -20.64 13.97
C ALA A 165 -9.50 -20.42 12.70
N GLN A 166 -10.10 -19.23 12.54
CA GLN A 166 -10.92 -18.99 11.34
C GLN A 166 -10.08 -18.99 10.09
N ALA A 167 -8.89 -18.40 10.17
CA ALA A 167 -8.02 -18.28 9.02
C ALA A 167 -7.50 -19.64 8.59
N GLU A 168 -7.13 -20.49 9.56
CA GLU A 168 -6.66 -21.80 9.20
C GLU A 168 -7.75 -22.58 8.48
N ALA A 169 -9.01 -22.40 8.90
CA ALA A 169 -10.06 -23.12 8.21
C ALA A 169 -10.28 -22.58 6.81
N GLN A 170 -9.77 -21.39 6.47
CA GLN A 170 -10.02 -20.93 5.12
C GLN A 170 -8.99 -21.46 4.13
N GLN A 171 -8.03 -22.24 4.58
CA GLN A 171 -7.02 -22.81 3.69
C GLN A 171 -7.62 -23.53 2.49
N PRO A 172 -8.63 -24.39 2.64
CA PRO A 172 -9.24 -25.02 1.46
C PRO A 172 -9.73 -24.01 0.43
N THR A 173 -10.28 -22.88 0.90
CA THR A 173 -10.78 -21.86 -0.03
C THR A 173 -9.66 -21.38 -0.95
N PHE A 174 -8.47 -21.13 -0.40
CA PHE A 174 -7.37 -20.58 -1.18
C PHE A 174 -6.67 -21.67 -1.97
N ASP A 175 -6.64 -22.88 -1.42
CA ASP A 175 -6.13 -24.04 -2.17
C ASP A 175 -6.99 -24.29 -3.40
N ALA A 176 -8.31 -24.13 -3.26
CA ALA A 176 -9.22 -24.33 -4.39
C ALA A 176 -8.98 -23.27 -5.45
N LEU A 177 -8.75 -22.03 -5.00
CA LEU A 177 -8.45 -20.94 -5.92
C LEU A 177 -7.20 -21.24 -6.75
N ARG A 178 -6.16 -21.77 -6.13
CA ARG A 178 -4.97 -22.13 -6.88
C ARG A 178 -5.28 -23.21 -7.92
N ASP A 179 -6.05 -24.24 -7.53
CA ASP A 179 -6.48 -25.27 -8.48
C ASP A 179 -7.35 -24.70 -9.59
N GLU A 180 -8.27 -23.79 -9.25
CA GLU A 180 -9.16 -23.20 -10.25
C GLU A 180 -8.37 -22.36 -11.26
N LEU A 181 -7.38 -21.61 -10.79
CA LEU A 181 -6.54 -20.83 -11.70
C LEU A 181 -5.73 -21.75 -12.60
N ARG A 182 -5.16 -22.81 -12.02
CA ARG A 182 -4.39 -23.78 -12.80
C ARG A 182 -5.26 -24.37 -13.91
N GLY A 183 -6.49 -24.75 -13.57
CA GLY A 183 -7.43 -25.27 -14.55
C GLY A 183 -7.62 -24.31 -15.71
N ALA A 184 -7.81 -23.04 -15.40
CA ALA A 184 -8.01 -22.04 -16.45
C ALA A 184 -6.76 -21.89 -17.31
N GLN A 185 -5.58 -22.00 -16.71
CA GLN A 185 -4.35 -21.91 -17.50
C GLN A 185 -4.27 -23.07 -18.50
N GLU A 186 -4.64 -24.27 -18.07
CA GLU A 186 -4.55 -25.43 -18.94
C GLU A 186 -5.48 -25.31 -20.14
N VAL A 187 -6.72 -24.87 -19.91
CA VAL A 187 -7.67 -24.72 -21.02
C VAL A 187 -7.17 -23.67 -22.01
N GLY A 188 -6.70 -22.53 -21.49
CA GLY A 188 -6.16 -21.49 -22.36
C GLY A 188 -5.00 -21.97 -23.21
N GLU A 189 -4.15 -22.82 -22.63
CA GLU A 189 -3.02 -23.36 -23.37
C GLU A 189 -3.47 -24.27 -24.50
N ARG A 190 -4.46 -25.13 -24.24
CA ARG A 190 -4.98 -25.98 -25.31
C ARG A 190 -5.60 -25.14 -26.40
N LEU A 191 -6.31 -24.07 -26.02
CA LEU A 191 -6.90 -23.18 -27.02
C LEU A 191 -5.80 -22.52 -27.83
N GLN A 192 -4.74 -22.07 -27.16
CA GLN A 192 -3.60 -21.51 -27.86
C GLN A 192 -2.98 -22.54 -28.80
N GLN A 193 -2.83 -23.79 -28.34
CA GLN A 193 -2.15 -24.80 -29.14
C GLN A 193 -3.00 -25.32 -30.28
N ARG A 194 -4.32 -25.36 -30.12
CA ARG A 194 -5.19 -25.97 -31.12
C ARG A 194 -5.85 -24.95 -32.03
N HIS A 195 -5.95 -23.68 -31.63
CA HIS A 195 -6.62 -22.67 -32.44
C HIS A 195 -5.80 -21.39 -32.60
N GLY A 196 -4.58 -21.34 -32.07
CA GLY A 196 -3.68 -20.23 -32.34
C GLY A 196 -4.09 -18.91 -31.73
N GLU A 197 -4.97 -18.91 -30.73
CA GLU A 197 -5.43 -17.67 -30.13
C GLU A 197 -4.86 -17.60 -28.71
N ARG A 198 -4.16 -16.51 -28.42
CA ARG A 198 -3.59 -16.34 -27.10
C ARG A 198 -4.69 -16.15 -26.06
N ASP A 199 -4.34 -16.43 -24.80
CA ASP A 199 -5.29 -16.30 -23.69
C ASP A 199 -5.24 -14.87 -23.21
N VAL A 200 -6.26 -14.09 -23.56
CA VAL A 200 -6.28 -12.66 -23.25
C VAL A 200 -6.79 -12.37 -21.85
N GLU A 201 -7.28 -13.38 -21.14
CA GLU A 201 -8.00 -13.19 -19.88
C GLU A 201 -7.22 -13.65 -18.67
N VAL A 202 -6.43 -14.71 -18.81
CA VAL A 202 -5.92 -15.43 -17.65
C VAL A 202 -4.93 -14.57 -16.88
N GLU A 203 -4.20 -13.69 -17.57
CA GLU A 203 -3.17 -12.90 -16.92
C GLU A 203 -3.77 -11.97 -15.86
N ARG A 204 -4.93 -11.37 -16.16
CA ARG A 204 -5.62 -10.53 -15.19
C ARG A 204 -5.83 -11.27 -13.88
N TRP A 205 -6.17 -12.55 -13.95
CA TRP A 205 -6.55 -13.28 -12.75
C TRP A 205 -5.36 -13.95 -12.09
N ARG A 206 -4.28 -14.24 -12.81
CA ARG A 206 -3.08 -14.71 -12.12
C ARG A 206 -2.59 -13.63 -11.17
N GLU A 207 -2.58 -12.37 -11.62
CA GLU A 207 -2.16 -11.29 -10.75
C GLU A 207 -3.16 -11.12 -9.61
N ARG A 208 -4.46 -11.22 -9.92
CA ARG A 208 -5.48 -11.12 -8.88
C ARG A 208 -5.29 -12.23 -7.84
N VAL A 209 -5.11 -13.47 -8.31
CA VAL A 209 -4.95 -14.61 -7.41
C VAL A 209 -3.66 -14.50 -6.62
N ALA A 210 -2.57 -14.12 -7.28
CA ALA A 210 -1.27 -14.00 -6.62
C ALA A 210 -1.30 -12.95 -5.51
N GLN A 211 -1.96 -11.81 -5.77
CA GLN A 211 -2.05 -10.74 -4.78
C GLN A 211 -2.88 -11.16 -3.57
N LEU A 212 -3.97 -11.88 -3.80
CA LEU A 212 -4.81 -12.33 -2.68
C LEU A 212 -4.04 -13.30 -1.80
N LEU A 213 -3.26 -14.18 -2.42
CA LEU A 213 -2.45 -15.13 -1.66
C LEU A 213 -1.47 -14.39 -0.75
N GLU A 214 -0.83 -13.32 -1.25
CA GLU A 214 0.11 -12.60 -0.40
C GLU A 214 -0.62 -11.93 0.77
N ARG A 215 -1.75 -11.27 0.48
CA ARG A 215 -2.53 -10.66 1.54
C ARG A 215 -2.93 -11.66 2.61
N TRP A 216 -3.30 -12.88 2.20
CA TRP A 216 -3.71 -13.91 3.16
C TRP A 216 -2.52 -14.28 4.05
N GLN A 217 -1.34 -14.45 3.43
CA GLN A 217 -0.13 -14.77 4.19
C GLN A 217 0.18 -13.66 5.20
N ALA A 218 -0.08 -12.40 4.83
CA ALA A 218 0.22 -11.32 5.78
C ALA A 218 -0.71 -11.43 6.96
N VAL A 219 -1.97 -11.80 6.73
CA VAL A 219 -2.91 -12.00 7.82
C VAL A 219 -2.42 -13.12 8.74
N LEU A 220 -2.01 -14.25 8.16
CA LEU A 220 -1.52 -15.38 8.96
C LEU A 220 -0.25 -15.00 9.71
N ALA A 221 0.66 -14.33 9.01
CA ALA A 221 1.93 -13.93 9.61
C ALA A 221 1.69 -12.90 10.71
N GLN A 222 0.84 -11.91 10.44
CA GLN A 222 0.61 -10.85 11.41
C GLN A 222 -0.15 -11.35 12.63
N THR A 223 -0.98 -12.39 12.49
CA THR A 223 -1.61 -12.95 13.68
C THR A 223 -0.59 -13.65 14.55
N ASP A 224 0.31 -14.43 13.94
CA ASP A 224 1.34 -15.12 14.69
C ASP A 224 2.28 -14.13 15.38
N VAL A 225 2.66 -13.06 14.69
CA VAL A 225 3.51 -12.04 15.30
C VAL A 225 2.79 -11.37 16.47
N ARG A 226 1.55 -10.97 16.24
CA ARG A 226 0.79 -10.24 17.25
C ARG A 226 0.49 -11.09 18.48
N GLN A 227 0.20 -12.38 18.29
CA GLN A 227 -0.02 -13.26 19.43
C GLN A 227 1.21 -13.33 20.29
N ARG A 228 2.33 -13.46 19.62
CA ARG A 228 3.63 -13.62 20.23
C ARG A 228 4.08 -12.35 20.95
N GLU A 229 3.67 -11.21 20.40
CA GLU A 229 3.91 -9.91 21.03
C GLU A 229 3.31 -9.89 22.42
N LEU A 230 2.09 -10.42 22.55
CA LEU A 230 1.36 -10.32 23.80
C LEU A 230 1.87 -11.34 24.81
N GLU A 231 2.33 -12.50 24.34
CA GLU A 231 2.96 -13.46 25.25
C GLU A 231 4.21 -12.88 25.88
N GLN A 232 5.03 -12.17 25.10
CA GLN A 232 6.16 -11.45 25.68
C GLN A 232 5.68 -10.23 26.47
N LEU A 233 4.75 -9.47 25.90
CA LEU A 233 4.22 -8.30 26.61
C LEU A 233 3.54 -8.70 27.91
N GLY A 234 2.78 -9.80 27.89
CA GLY A 234 2.11 -10.24 29.10
C GLY A 234 3.10 -10.58 30.21
N ARG A 235 4.17 -11.31 29.87
CA ARG A 235 5.19 -11.61 30.86
C ARG A 235 5.78 -10.34 31.43
N GLN A 236 6.03 -9.33 30.60
CA GLN A 236 6.60 -8.08 31.09
C GLN A 236 5.64 -7.37 32.04
N LEU A 237 4.33 -7.46 31.78
CA LEU A 237 3.35 -6.88 32.69
C LEU A 237 3.38 -7.57 34.05
N ARG A 238 3.45 -8.90 34.06
CA ARG A 238 3.50 -9.64 35.31
C ARG A 238 4.74 -9.26 36.12
N TYR A 239 5.90 -9.12 35.46
CA TYR A 239 7.13 -8.81 36.18
C TYR A 239 7.08 -7.42 36.78
N TYR A 240 6.51 -6.45 36.06
CA TYR A 240 6.45 -5.09 36.57
C TYR A 240 5.45 -4.98 37.72
N ARG A 241 4.26 -5.56 37.57
CA ARG A 241 3.24 -5.42 38.59
C ARG A 241 3.65 -6.11 39.89
N GLU A 242 4.40 -7.20 39.80
CA GLU A 242 4.93 -7.85 40.99
C GLU A 242 5.96 -7.01 41.73
N SER A 243 6.55 -6.01 41.06
CA SER A 243 7.52 -5.14 41.71
C SER A 243 6.94 -3.77 42.06
N ALA A 244 6.00 -3.25 41.27
CA ALA A 244 5.47 -1.92 41.54
C ALA A 244 4.40 -1.94 42.64
N ASP A 245 3.62 -3.02 42.74
CA ASP A 245 2.57 -3.08 43.76
C ASP A 245 3.15 -3.16 45.17
N PRO A 246 4.12 -4.02 45.47
CA PRO A 246 4.66 -4.04 46.84
C PRO A 246 5.46 -2.78 47.17
N LEU A 247 6.10 -2.16 46.19
CA LEU A 247 6.82 -0.92 46.46
C LEU A 247 5.84 0.22 46.74
N GLY A 248 4.81 0.35 45.90
CA GLY A 248 3.86 1.43 46.09
C GLY A 248 3.10 1.32 47.40
N ALA A 249 2.79 0.09 47.81
CA ALA A 249 2.16 -0.11 49.11
C ALA A 249 3.12 0.23 50.24
N TRP A 250 4.40 -0.11 50.07
CA TRP A 250 5.40 0.18 51.09
C TRP A 250 5.58 1.68 51.29
N LEU A 251 5.64 2.45 50.21
CA LEU A 251 5.80 3.89 50.35
C LEU A 251 4.63 4.50 51.11
N GLN A 252 3.40 4.11 50.76
CA GLN A 252 2.22 4.56 51.51
C GLN A 252 2.34 4.16 52.98
N ASP A 253 2.81 2.95 53.25
CA ASP A 253 2.99 2.49 54.63
C ASP A 253 4.07 3.30 55.35
N ALA A 254 5.22 3.49 54.70
CA ALA A 254 6.32 4.20 55.35
C ALA A 254 6.04 5.69 55.49
N ARG A 255 5.46 6.31 54.46
CA ARG A 255 5.15 7.73 54.53
C ARG A 255 4.24 8.05 55.71
N ARG A 256 3.24 7.20 55.97
CA ARG A 256 2.37 7.41 57.12
C ARG A 256 3.09 7.16 58.44
N ARG A 257 4.02 6.20 58.46
CA ARG A 257 4.83 6.00 59.66
C ARG A 257 5.76 7.19 59.92
N GLN A 258 6.41 7.69 58.86
CA GLN A 258 7.29 8.85 59.02
C GLN A 258 6.49 10.09 59.41
N GLU A 259 5.35 10.33 58.75
CA GLU A 259 4.48 11.43 59.14
C GLU A 259 3.98 11.26 60.57
N GLN A 260 3.79 10.02 61.02
CA GLN A 260 3.38 9.80 62.41
C GLN A 260 4.55 9.96 63.36
N ILE A 261 5.72 9.42 63.01
CA ILE A 261 6.90 9.56 63.87
C ILE A 261 7.39 11.00 63.89
N GLN A 262 7.42 11.68 62.73
CA GLN A 262 7.90 13.05 62.66
C GLN A 262 7.00 14.00 63.44
N ALA A 263 5.68 13.98 63.16
CA ALA A 263 4.76 14.91 63.82
C ALA A 263 4.68 14.68 65.33
N MET A 264 4.74 13.42 65.77
CA MET A 264 4.65 13.08 67.19
C MET A 264 5.81 13.70 67.99
N ASP A 268 10.60 16.60 76.57
CA ASP A 268 11.74 16.50 77.49
C ASP A 268 12.95 15.85 76.81
N SER A 269 14.08 15.78 77.52
CA SER A 269 15.31 15.25 76.95
C SER A 269 15.18 13.76 76.62
N GLN A 270 14.46 13.01 77.47
CA GLN A 270 14.26 11.58 77.22
C GLN A 270 13.50 11.33 75.93
N ALA A 271 12.46 12.14 75.67
CA ALA A 271 11.64 11.98 74.46
C ALA A 271 12.44 12.30 73.20
N VAL A 272 13.32 13.31 73.26
CA VAL A 272 14.11 13.69 72.09
C VAL A 272 14.99 12.53 71.63
N ARG A 273 15.57 11.78 72.56
CA ARG A 273 16.38 10.63 72.20
C ARG A 273 15.58 9.61 71.39
N GLU A 274 14.32 9.37 71.77
CA GLU A 274 13.48 8.45 71.02
C GLU A 274 13.12 9.01 69.64
N GLN A 275 12.81 10.31 69.57
CA GLN A 275 12.46 10.93 68.29
C GLN A 275 13.60 10.82 67.29
N LEU A 276 14.83 11.15 67.73
CA LEU A 276 15.99 10.93 66.87
C LEU A 276 16.18 9.46 66.55
N ARG A 277 15.90 8.58 67.52
CA ARG A 277 16.08 7.14 67.31
C ARG A 277 15.14 6.62 66.23
N GLN A 278 13.85 6.99 66.30
CA GLN A 278 12.90 6.49 65.32
C GLN A 278 13.17 7.06 63.93
N GLU A 279 13.44 8.36 63.83
CA GLU A 279 13.78 8.96 62.54
C GLU A 279 15.09 8.41 61.97
N GLN A 280 16.14 8.28 62.81
CA GLN A 280 17.42 7.77 62.32
C GLN A 280 17.31 6.31 61.84
N ALA A 281 16.48 5.50 62.51
CA ALA A 281 16.27 4.13 62.08
C ALA A 281 15.48 4.06 60.77
N LEU A 282 14.44 4.89 60.65
CA LEU A 282 13.63 4.88 59.43
C LEU A 282 14.45 5.25 58.19
N LEU A 283 15.31 6.26 58.31
CA LEU A 283 16.17 6.65 57.18
C LEU A 283 17.02 5.48 56.70
N GLU A 284 17.42 4.61 57.62
CA GLU A 284 18.12 3.38 57.22
C GLU A 284 17.21 2.47 56.42
N GLU A 285 15.95 2.31 56.87
CA GLU A 285 15.01 1.44 56.16
C GLU A 285 14.76 1.93 54.74
N ILE A 286 14.62 3.25 54.57
CA ILE A 286 14.41 3.84 53.26
C ILE A 286 15.56 3.48 52.32
N GLU A 287 16.79 3.60 52.81
CA GLU A 287 17.95 3.33 51.98
C GLU A 287 17.99 1.87 51.51
N ARG A 288 17.57 0.94 52.39
CA ARG A 288 17.56 -0.47 52.02
C ARG A 288 16.65 -0.74 50.82
N HIS A 289 15.61 0.06 50.64
CA HIS A 289 14.71 -0.10 49.51
C HIS A 289 15.22 0.55 48.23
N GLY A 290 16.39 1.19 48.27
CA GLY A 290 16.93 1.78 47.05
C GLY A 290 17.12 0.76 45.93
N GLU A 291 17.47 -0.48 46.29
CA GLU A 291 17.60 -1.52 45.27
C GLU A 291 16.25 -1.91 44.70
N LYS A 292 15.23 -2.06 45.56
CA LYS A 292 13.92 -2.50 45.09
C LYS A 292 13.28 -1.48 44.16
N VAL A 293 13.65 -0.20 44.30
CA VAL A 293 13.15 0.83 43.39
C VAL A 293 13.81 0.72 42.02
N GLU A 294 15.14 0.63 42.00
CA GLU A 294 15.85 0.46 40.73
C GLU A 294 15.42 -0.83 40.04
N GLU A 295 15.16 -1.89 40.81
CA GLU A 295 14.59 -3.11 40.25
C GLU A 295 13.24 -2.83 39.59
N CYS A 296 12.37 -2.10 40.30
CA CYS A 296 11.07 -1.74 39.73
C CYS A 296 11.23 -0.84 38.51
N GLN A 297 12.16 0.11 38.57
CA GLN A 297 12.42 0.95 37.39
C GLN A 297 12.93 0.11 36.23
N ARG A 298 13.76 -0.89 36.51
CA ARG A 298 14.27 -1.77 35.47
C ARG A 298 13.14 -2.56 34.80
N PHE A 299 12.30 -3.21 35.60
CA PHE A 299 11.21 -3.99 35.04
C PHE A 299 10.24 -3.11 34.26
N ALA A 300 9.94 -1.93 34.79
CA ALA A 300 8.98 -1.03 34.14
C ALA A 300 9.49 -0.59 32.77
N LYS A 301 10.79 -0.33 32.65
CA LYS A 301 11.35 0.04 31.35
C LYS A 301 11.16 -1.07 30.33
N GLN A 302 11.34 -2.33 30.75
CA GLN A 302 11.14 -3.46 29.85
C GLN A 302 9.68 -3.58 29.43
N TYR A 303 8.77 -3.36 30.36
CA TYR A 303 7.34 -3.43 30.04
C TYR A 303 6.94 -2.29 29.11
N ILE A 304 7.44 -1.07 29.38
CA ILE A 304 7.16 0.06 28.50
C ILE A 304 7.67 -0.21 27.09
N ASN A 305 8.88 -0.78 26.97
CA ASN A 305 9.42 -1.12 25.65
C ASN A 305 8.51 -2.11 24.93
N ALA A 306 7.94 -3.07 25.66
CA ALA A 306 7.04 -4.04 25.03
C ALA A 306 5.75 -3.37 24.59
N ILE A 307 5.20 -2.48 25.43
CA ILE A 307 4.01 -1.74 25.05
C ILE A 307 4.29 -0.88 23.83
N LYS A 308 5.52 -0.35 23.72
CA LYS A 308 5.89 0.42 22.54
C LYS A 308 6.03 -0.48 21.32
N ASP A 309 6.60 -1.68 21.49
CA ASP A 309 6.79 -2.60 20.38
C ASP A 309 5.45 -3.07 19.82
N TYR A 310 4.53 -3.45 20.70
CA TYR A 310 3.21 -3.90 20.25
C TYR A 310 2.46 -2.79 19.55
N GLU A 311 2.57 -1.55 20.06
CA GLU A 311 1.84 -0.44 19.46
C GLU A 311 2.31 -0.19 18.02
N LEU A 312 3.62 -0.10 17.82
CA LEU A 312 4.16 0.13 16.49
C LEU A 312 3.83 -1.02 15.54
N GLN A 313 3.75 -2.25 16.06
CA GLN A 313 3.34 -3.37 15.25
C GLN A 313 1.99 -3.13 14.60
N LEU A 314 1.06 -2.54 15.37
CA LEU A 314 -0.30 -2.38 14.87
C LEU A 314 -0.41 -1.21 13.91
N VAL A 315 0.26 -0.10 14.20
CA VAL A 315 0.20 1.07 13.33
C VAL A 315 0.83 0.77 11.98
N THR A 316 1.90 -0.04 11.97
CA THR A 316 2.53 -0.45 10.72
C THR A 316 1.55 -1.21 9.83
N TYR A 317 0.97 -2.30 10.36
CA TYR A 317 0.06 -3.12 9.57
C TYR A 317 -1.13 -2.30 9.06
N LYS A 318 -1.68 -1.42 9.90
CA LYS A 318 -2.83 -0.64 9.46
C LYS A 318 -2.48 0.32 8.34
N ALA A 319 -1.24 0.82 8.31
CA ALA A 319 -0.83 1.74 7.26
C ALA A 319 -0.62 1.01 5.94
N GLN A 320 0.01 -0.17 5.99
CA GLN A 320 0.27 -0.93 4.76
C GLN A 320 -1.02 -1.23 4.01
N LEU A 321 -2.07 -1.62 4.72
CA LEU A 321 -3.33 -1.95 4.07
C LEU A 321 -3.98 -0.70 3.46
N GLU A 322 -3.91 0.43 4.16
CA GLU A 322 -4.50 1.67 3.66
C GLU A 322 -3.66 2.24 2.51
N LYS A 332 -4.25 8.70 17.36
CA LYS A 332 -4.61 7.66 18.31
C LYS A 332 -5.83 8.08 19.14
N VAL A 333 -6.17 7.28 20.16
CA VAL A 333 -7.10 7.67 21.22
C VAL A 333 -6.36 8.20 22.44
N GLN A 334 -5.41 7.42 22.95
CA GLN A 334 -4.40 7.90 23.89
C GLN A 334 -3.16 7.03 23.71
N SER A 335 -2.22 7.12 24.65
CA SER A 335 -0.96 6.40 24.54
C SER A 335 -0.92 5.34 25.63
N GLY A 336 -0.73 4.08 25.22
CA GLY A 336 -0.72 2.99 26.18
C GLY A 336 0.43 3.10 27.17
N SER A 337 1.66 3.29 26.66
CA SER A 337 2.82 3.36 27.54
C SER A 337 2.84 4.64 28.37
N GLU A 338 2.13 5.68 27.94
CA GLU A 338 2.06 6.93 28.71
C GLU A 338 1.52 6.68 30.12
N SER A 339 0.50 5.81 30.25
CA SER A 339 -0.03 5.49 31.57
C SER A 339 1.04 4.84 32.43
N VAL A 340 1.84 3.95 31.84
CA VAL A 340 2.92 3.28 32.59
C VAL A 340 3.99 4.30 32.96
N ILE A 341 4.26 5.26 32.09
CA ILE A 341 5.19 6.34 32.40
C ILE A 341 4.78 7.05 33.69
N GLN A 342 3.50 7.38 33.81
CA GLN A 342 3.02 8.13 34.97
C GLN A 342 3.28 7.38 36.28
N GLU A 343 3.14 6.05 36.28
CA GLU A 343 3.35 5.28 37.51
C GLU A 343 4.79 5.40 38.01
N TYR A 344 5.77 5.20 37.12
CA TYR A 344 7.16 5.33 37.54
C TYR A 344 7.46 6.72 38.05
N VAL A 345 6.83 7.74 37.46
CA VAL A 345 7.00 9.11 37.92
C VAL A 345 6.57 9.24 39.37
N ASP A 346 5.39 8.72 39.71
CA ASP A 346 4.88 8.84 41.08
C ASP A 346 5.76 8.10 42.07
N LEU A 347 6.27 6.93 41.69
CA LEU A 347 7.06 6.12 42.63
C LEU A 347 8.42 6.76 42.91
N ARG A 348 9.13 7.18 41.85
CA ARG A 348 10.44 7.79 42.05
C ARG A 348 10.31 9.13 42.77
N THR A 349 9.26 9.89 42.48
CA THR A 349 9.05 11.16 43.16
C THR A 349 8.80 10.96 44.66
N HIS A 350 7.92 10.03 45.01
CA HIS A 350 7.60 9.80 46.42
C HIS A 350 8.81 9.31 47.20
N TYR A 351 9.62 8.43 46.59
CA TYR A 351 10.78 7.88 47.30
C TYR A 351 11.84 8.94 47.53
N SER A 352 12.16 9.75 46.52
CA SER A 352 13.10 10.85 46.71
C SER A 352 12.55 11.86 47.72
N GLU A 353 11.24 12.12 47.66
CA GLU A 353 10.62 13.00 48.64
C GLU A 353 10.68 12.39 50.05
N LEU A 354 10.43 11.08 50.15
CA LEU A 354 10.45 10.43 51.47
C LEU A 354 11.84 10.47 52.08
N THR A 355 12.87 10.17 51.28
CA THR A 355 14.25 10.20 51.78
C THR A 355 14.61 11.58 52.30
N THR A 356 14.28 12.61 51.53
CA THR A 356 14.62 13.98 51.93
C THR A 356 13.92 14.37 53.23
N LEU A 357 12.61 14.14 53.32
CA LEU A 357 11.84 14.59 54.48
C LEU A 357 12.35 13.95 55.77
N THR A 358 12.65 12.66 55.73
CA THR A 358 13.26 12.01 56.89
C THR A 358 14.66 12.53 57.14
N SER A 359 15.44 12.74 56.08
CA SER A 359 16.81 13.22 56.23
C SER A 359 16.85 14.60 56.90
N GLN A 360 15.96 15.51 56.48
CA GLN A 360 15.94 16.85 57.08
C GLN A 360 15.49 16.81 58.53
N TYR A 361 14.55 15.91 58.87
CA TYR A 361 14.04 15.84 60.24
C TYR A 361 15.07 15.28 61.21
N ILE A 362 15.93 14.36 60.76
CA ILE A 362 17.04 13.89 61.59
C ILE A 362 18.00 15.03 61.89
N LYS A 363 18.29 15.86 60.87
CA LYS A 363 19.12 17.03 61.06
C LYS A 363 18.50 18.01 62.06
N PHE A 364 17.19 18.25 61.97
CA PHE A 364 16.53 19.18 62.88
C PHE A 364 16.58 18.68 64.32
N ILE A 365 16.54 17.36 64.52
CA ILE A 365 16.73 16.81 65.86
C ILE A 365 18.21 16.87 66.26
N SER A 366 19.12 16.68 65.28
CA SER A 366 20.55 16.61 65.57
C SER A 366 21.08 17.93 66.14
N GLU A 367 20.69 19.06 65.55
CA GLU A 367 21.14 20.36 66.07
C GLU A 367 20.44 20.71 67.37
N THR A 368 19.18 20.29 67.54
CA THR A 368 18.40 20.54 68.76
C THR A 368 18.97 19.82 69.98
N LEU A 369 19.50 18.61 69.75
N CYS B 10 -0.90 -10.62 -71.26
CA CYS B 10 -2.13 -10.60 -70.46
C CYS B 10 -2.09 -11.73 -69.44
N GLN B 11 -1.86 -12.96 -69.90
CA GLN B 11 -1.80 -14.11 -68.99
C GLN B 11 -0.65 -13.96 -68.02
N ARG B 12 0.49 -13.45 -68.50
CA ARG B 12 1.63 -13.26 -67.64
C ARG B 12 1.35 -12.18 -66.60
N CYS B 13 0.58 -11.16 -66.98
CA CYS B 13 0.30 -10.06 -66.06
C CYS B 13 -0.69 -10.48 -64.97
N ILE B 14 -1.71 -11.28 -65.33
CA ILE B 14 -2.64 -11.80 -64.34
C ILE B 14 -1.91 -12.64 -63.29
N SER B 15 -1.03 -13.54 -63.74
CA SER B 15 -0.29 -14.40 -62.82
C SER B 15 0.59 -13.58 -61.90
N GLU B 16 1.30 -12.60 -62.46
CA GLU B 16 2.20 -11.78 -61.67
C GLU B 16 1.42 -10.89 -60.71
N LEU B 17 0.20 -10.49 -61.10
CA LEU B 17 -0.63 -9.70 -60.18
C LEU B 17 -1.12 -10.56 -59.01
N LYS B 18 -1.49 -11.82 -59.27
CA LYS B 18 -1.92 -12.70 -58.18
C LYS B 18 -0.77 -13.01 -57.22
N ASP B 19 0.41 -13.31 -57.75
CA ASP B 19 1.53 -13.65 -56.87
C ASP B 19 1.90 -12.48 -55.98
N ILE B 20 1.96 -11.27 -56.53
CA ILE B 20 2.40 -10.13 -55.75
C ILE B 20 1.29 -9.76 -54.76
N ARG B 21 0.02 -10.01 -55.11
CA ARG B 21 -1.05 -9.81 -54.14
C ARG B 21 -0.90 -10.81 -53.00
N LEU B 22 -0.53 -12.04 -53.35
CA LEU B 22 -0.22 -13.06 -52.36
C LEU B 22 0.94 -12.62 -51.48
N GLN B 23 1.96 -12.03 -52.09
CA GLN B 23 3.12 -11.55 -51.34
C GLN B 23 2.70 -10.47 -50.34
N LEU B 24 1.85 -9.54 -50.80
CA LEU B 24 1.34 -8.46 -49.96
C LEU B 24 0.50 -9.00 -48.80
N GLU B 25 -0.35 -9.98 -49.09
CA GLU B 25 -1.17 -10.60 -48.05
C GLU B 25 -0.32 -11.26 -46.97
N ALA B 26 0.86 -11.78 -47.33
CA ALA B 26 1.74 -12.38 -46.33
C ALA B 26 2.36 -11.31 -45.42
N CYS B 27 2.73 -10.16 -45.97
CA CYS B 27 3.15 -9.02 -45.15
C CYS B 27 2.04 -8.60 -44.19
N GLU B 28 0.79 -8.60 -44.66
CA GLU B 28 -0.35 -8.22 -43.83
C GLU B 28 -0.48 -9.15 -42.62
N THR B 29 -0.41 -10.45 -42.85
CA THR B 29 -0.62 -11.40 -41.76
C THR B 29 0.48 -11.28 -40.71
N ARG B 30 1.71 -11.02 -41.14
CA ARG B 30 2.78 -10.83 -40.15
C ARG B 30 2.52 -9.59 -39.30
N THR B 31 2.04 -8.50 -39.92
CA THR B 31 1.78 -7.27 -39.17
C THR B 31 0.66 -7.46 -38.17
N VAL B 32 -0.41 -8.14 -38.57
CA VAL B 32 -1.51 -8.40 -37.66
C VAL B 32 -1.03 -9.24 -36.48
N HIS B 33 -0.25 -10.29 -36.75
CA HIS B 33 0.28 -11.13 -35.68
C HIS B 33 1.24 -10.36 -34.77
N ARG B 34 1.99 -9.41 -35.33
CA ARG B 34 2.87 -8.57 -34.51
C ARG B 34 2.08 -7.62 -33.62
N LEU B 35 1.10 -6.92 -34.19
CA LEU B 35 0.38 -5.92 -33.41
C LEU B 35 -0.55 -6.54 -32.37
N ARG B 36 -0.83 -7.85 -32.49
CA ARG B 36 -1.65 -8.57 -31.52
C ARG B 36 -0.86 -8.98 -30.29
N LEU B 37 0.46 -8.81 -30.33
CA LEU B 37 1.37 -9.34 -29.32
C LEU B 37 1.70 -8.24 -28.32
N PRO B 38 1.28 -8.35 -27.07
CA PRO B 38 1.62 -7.30 -26.10
C PRO B 38 3.09 -7.39 -25.74
N LEU B 39 3.63 -6.26 -25.30
CA LEU B 39 4.99 -6.26 -24.79
C LEU B 39 5.06 -7.12 -23.53
N ASP B 40 6.21 -7.73 -23.32
CA ASP B 40 6.42 -8.64 -22.19
C ASP B 40 7.21 -7.90 -21.11
N LYS B 41 8.28 -8.46 -20.54
CA LYS B 41 8.92 -7.94 -19.33
C LYS B 41 10.07 -6.96 -19.60
N GLU B 42 10.36 -6.65 -20.87
CA GLU B 42 11.38 -5.67 -21.24
C GLU B 42 10.83 -4.67 -22.26
N PRO B 43 9.79 -3.92 -21.89
CA PRO B 43 9.05 -3.13 -22.89
C PRO B 43 9.93 -2.20 -23.72
N ALA B 44 10.86 -1.51 -23.05
CA ALA B 44 11.74 -0.56 -23.73
C ALA B 44 12.58 -1.24 -24.81
N ARG B 45 13.32 -2.29 -24.45
CA ARG B 45 14.15 -2.99 -25.43
C ARG B 45 13.31 -3.60 -26.54
N GLU B 46 12.23 -4.29 -26.17
CA GLU B 46 11.34 -4.91 -27.16
C GLU B 46 10.71 -3.91 -28.12
N CYS B 47 10.24 -2.76 -27.61
CA CYS B 47 9.55 -1.82 -28.50
C CYS B 47 10.51 -1.23 -29.52
N ALA B 48 11.73 -0.92 -29.10
CA ALA B 48 12.73 -0.41 -30.03
C ALA B 48 13.03 -1.45 -31.11
N GLN B 49 13.19 -2.72 -30.70
CA GLN B 49 13.45 -3.81 -31.63
C GLN B 49 12.32 -3.99 -32.61
N ARG B 50 11.08 -3.87 -32.13
CA ARG B 50 9.91 -4.05 -32.98
C ARG B 50 9.74 -2.87 -33.93
N ILE B 51 10.15 -1.66 -33.52
CA ILE B 51 10.10 -0.52 -34.42
C ILE B 51 11.05 -0.75 -35.59
N ALA B 52 12.25 -1.26 -35.31
CA ALA B 52 13.22 -1.58 -36.34
C ALA B 52 12.66 -2.63 -37.29
N GLU B 53 12.09 -3.70 -36.74
CA GLU B 53 11.48 -4.75 -37.56
C GLU B 53 10.35 -4.19 -38.43
N GLN B 54 9.50 -3.32 -37.86
CA GLN B 54 8.37 -2.80 -38.64
C GLN B 54 8.84 -1.81 -39.70
N GLN B 55 9.91 -1.06 -39.45
CA GLN B 55 10.49 -0.21 -40.49
C GLN B 55 10.99 -1.07 -41.65
N LYS B 56 11.58 -2.22 -41.34
CA LYS B 56 12.06 -3.12 -42.37
C LYS B 56 10.89 -3.75 -43.11
N ALA B 57 9.81 -4.05 -42.40
CA ALA B 57 8.61 -4.59 -43.03
C ALA B 57 7.96 -3.55 -43.94
N GLN B 58 7.95 -2.28 -43.49
CA GLN B 58 7.35 -1.21 -44.28
C GLN B 58 8.14 -1.00 -45.57
N ALA B 59 9.46 -1.16 -45.51
CA ALA B 59 10.27 -1.01 -46.72
C ALA B 59 10.02 -2.16 -47.68
N GLU B 60 9.82 -3.37 -47.14
CA GLU B 60 9.46 -4.51 -47.97
C GLU B 60 8.16 -4.24 -48.72
N VAL B 61 7.17 -3.66 -48.04
CA VAL B 61 5.91 -3.32 -48.69
C VAL B 61 6.18 -2.29 -49.77
N GLU B 62 7.05 -1.32 -49.47
CA GLU B 62 7.40 -0.32 -50.46
C GLU B 62 8.05 -0.96 -51.68
N GLY B 63 8.87 -1.98 -51.48
CA GLY B 63 9.43 -2.70 -52.60
C GLY B 63 8.36 -3.43 -53.40
N LEU B 64 7.42 -4.08 -52.71
CA LEU B 64 6.32 -4.73 -53.42
C LEU B 64 5.44 -3.69 -54.11
N GLY B 65 5.33 -2.50 -53.51
CA GLY B 65 4.56 -1.44 -54.12
C GLY B 65 5.15 -0.98 -55.43
N LYS B 66 6.48 -1.10 -55.56
CA LYS B 66 7.14 -0.74 -56.81
C LYS B 66 6.87 -1.80 -57.86
N GLY B 67 6.78 -3.06 -57.43
CA GLY B 67 6.41 -4.14 -58.35
C GLY B 67 5.01 -3.99 -58.89
N VAL B 68 4.05 -3.62 -58.03
CA VAL B 68 2.66 -3.44 -58.45
C VAL B 68 2.54 -2.33 -59.48
N ALA B 69 3.26 -1.22 -59.28
CA ALA B 69 3.20 -0.13 -60.24
C ALA B 69 3.69 -0.58 -61.62
N ARG B 70 4.72 -1.42 -61.64
CA ARG B 70 5.20 -1.97 -62.91
C ARG B 70 4.12 -2.81 -63.56
N LEU B 71 3.54 -3.74 -62.78
CA LEU B 71 2.51 -4.63 -63.31
C LEU B 71 1.28 -3.86 -63.75
N SER B 72 0.97 -2.74 -63.08
CA SER B 72 -0.17 -1.92 -63.48
C SER B 72 0.07 -1.27 -64.84
N ALA B 73 1.28 -0.75 -65.08
CA ALA B 73 1.58 -0.15 -66.38
C ALA B 73 1.49 -1.17 -67.52
N GLU B 74 2.01 -2.38 -67.30
CA GLU B 74 1.94 -3.41 -68.34
C GLU B 74 0.50 -3.77 -68.62
N ALA B 75 -0.31 -3.88 -67.56
CA ALA B 75 -1.73 -4.17 -67.71
C ALA B 75 -2.41 -3.12 -68.59
N GLU B 76 -2.14 -1.84 -68.33
CA GLU B 76 -2.83 -0.79 -69.07
C GLU B 76 -2.44 -0.82 -70.54
N LYS B 77 -1.21 -1.26 -70.84
CA LYS B 77 -0.76 -1.37 -72.22
C LYS B 77 -1.49 -2.50 -72.93
N VAL B 78 -1.69 -3.62 -72.25
CA VAL B 78 -2.41 -4.75 -72.83
C VAL B 78 -3.86 -4.36 -73.05
N LEU B 79 -4.46 -3.69 -72.06
CA LEU B 79 -5.87 -3.29 -72.10
C LEU B 79 -6.16 -2.27 -73.19
N ALA B 80 -5.14 -1.54 -73.67
CA ALA B 80 -5.30 -0.51 -74.67
C ALA B 80 -5.31 -1.06 -76.10
N LEU B 81 -4.91 -2.31 -76.28
CA LEU B 81 -4.87 -2.96 -77.58
C LEU B 81 -6.27 -3.07 -78.18
N SER B 85 -10.58 -8.49 -76.59
CA SER B 85 -9.87 -9.33 -75.64
C SER B 85 -10.79 -9.79 -74.51
N PRO B 86 -11.34 -11.01 -74.65
CA PRO B 86 -12.22 -11.55 -73.60
C PRO B 86 -11.55 -11.69 -72.24
N ALA B 87 -10.21 -11.69 -72.18
CA ALA B 87 -9.49 -11.81 -70.91
C ALA B 87 -9.44 -10.49 -70.14
N ALA B 88 -9.78 -9.37 -70.79
CA ALA B 88 -9.61 -8.05 -70.18
C ALA B 88 -10.37 -7.86 -68.86
N PRO B 89 -11.63 -8.30 -68.70
CA PRO B 89 -12.28 -8.14 -67.38
C PRO B 89 -11.53 -8.80 -66.24
N THR B 90 -10.91 -9.96 -66.47
CA THR B 90 -10.13 -10.62 -65.42
C THR B 90 -8.88 -9.81 -65.08
N LEU B 91 -8.17 -9.30 -66.09
CA LEU B 91 -7.01 -8.48 -65.83
C LEU B 91 -7.38 -7.24 -65.03
N ARG B 92 -8.47 -6.56 -65.43
CA ARG B 92 -8.92 -5.37 -64.70
C ARG B 92 -9.32 -5.71 -63.27
N SER B 93 -10.10 -6.79 -63.10
CA SER B 93 -10.54 -7.21 -61.77
C SER B 93 -9.36 -7.54 -60.88
N GLU B 94 -8.43 -8.36 -61.40
CA GLU B 94 -7.23 -8.74 -60.65
C GLU B 94 -6.39 -7.52 -60.32
N LEU B 95 -6.34 -6.57 -61.25
CA LEU B 95 -5.62 -5.32 -61.00
C LEU B 95 -6.25 -4.59 -59.82
N GLU B 96 -7.59 -4.47 -59.81
CA GLU B 96 -8.26 -3.74 -58.73
C GLU B 96 -8.08 -4.43 -57.38
N LEU B 97 -8.09 -5.76 -57.36
CA LEU B 97 -7.82 -6.48 -56.11
C LEU B 97 -6.41 -6.18 -55.59
N THR B 98 -5.42 -6.17 -56.48
CA THR B 98 -4.04 -5.97 -56.05
C THR B 98 -3.79 -4.52 -55.62
N LEU B 99 -4.35 -3.57 -56.37
CA LEU B 99 -4.21 -2.16 -56.01
C LEU B 99 -4.86 -1.90 -54.66
N GLY B 100 -6.05 -2.47 -54.44
CA GLY B 100 -6.75 -2.25 -53.19
C GLY B 100 -5.97 -2.84 -52.02
N LYS B 101 -5.41 -4.04 -52.21
CA LYS B 101 -4.64 -4.69 -51.15
C LYS B 101 -3.35 -3.93 -50.82
N LEU B 102 -2.66 -3.42 -51.85
CA LEU B 102 -1.46 -2.60 -51.61
C LEU B 102 -1.77 -1.42 -50.69
N GLU B 103 -2.86 -0.69 -50.99
CA GLU B 103 -3.19 0.48 -50.20
C GLU B 103 -3.58 0.07 -48.77
N GLN B 104 -4.25 -1.09 -48.64
CA GLN B 104 -4.66 -1.57 -47.32
C GLN B 104 -3.46 -1.92 -46.45
N VAL B 105 -2.50 -2.66 -47.01
CA VAL B 105 -1.30 -3.05 -46.27
C VAL B 105 -0.41 -1.85 -45.99
N ARG B 106 -0.36 -0.88 -46.92
CA ARG B 106 0.39 0.34 -46.68
C ARG B 106 -0.17 1.07 -45.48
N SER B 107 -1.49 1.22 -45.44
CA SER B 107 -2.15 1.87 -44.32
C SER B 107 -1.81 1.15 -43.02
N LEU B 108 -2.00 -0.17 -42.99
CA LEU B 108 -1.74 -0.93 -41.77
C LEU B 108 -0.28 -0.81 -41.33
N SER B 109 0.67 -0.93 -42.27
CA SER B 109 2.08 -0.81 -41.93
C SER B 109 2.40 0.55 -41.32
N ALA B 110 1.82 1.61 -41.87
CA ALA B 110 2.15 2.96 -41.42
C ALA B 110 1.55 3.24 -40.05
N ILE B 111 0.30 2.83 -39.82
CA ILE B 111 -0.36 3.12 -38.55
C ILE B 111 0.26 2.30 -37.42
N TYR B 112 0.63 1.04 -37.71
CA TYR B 112 1.26 0.23 -36.68
C TYR B 112 2.62 0.78 -36.31
N LEU B 113 3.42 1.23 -37.30
CA LEU B 113 4.70 1.86 -36.99
C LEU B 113 4.49 3.09 -36.12
N GLU B 114 3.50 3.92 -36.47
CA GLU B 114 3.15 5.08 -35.67
C GLU B 114 2.78 4.69 -34.26
N LYS B 115 1.99 3.63 -34.12
CA LYS B 115 1.60 3.16 -32.79
C LYS B 115 2.82 2.79 -31.96
N LEU B 116 3.76 2.04 -32.55
CA LEU B 116 4.95 1.64 -31.82
C LEU B 116 5.74 2.86 -31.35
N LYS B 117 5.85 3.87 -32.21
CA LYS B 117 6.63 5.04 -31.84
C LYS B 117 5.97 5.81 -30.69
N THR B 118 4.65 5.97 -30.73
CA THR B 118 3.99 6.73 -29.66
C THR B 118 4.04 5.97 -28.34
N ILE B 119 3.90 4.64 -28.39
CA ILE B 119 4.00 3.83 -27.18
C ILE B 119 5.41 3.91 -26.61
N SER B 120 6.41 3.95 -27.50
CA SER B 120 7.79 4.02 -27.06
C SER B 120 8.02 5.29 -26.23
N LEU B 121 7.35 6.39 -26.60
CA LEU B 121 7.50 7.66 -25.89
C LEU B 121 6.92 7.54 -24.49
N VAL B 122 5.81 6.80 -24.37
CA VAL B 122 5.16 6.60 -23.09
C VAL B 122 6.06 5.73 -22.20
N ILE B 123 6.62 4.66 -22.77
CA ILE B 123 7.52 3.79 -22.02
C ILE B 123 8.66 4.61 -21.44
N ARG B 124 9.36 5.36 -22.30
CA ARG B 124 10.46 6.20 -21.84
C ARG B 124 9.99 7.19 -20.77
N GLY B 125 8.85 7.85 -21.02
CA GLY B 125 8.36 8.84 -20.07
C GLY B 125 8.03 8.26 -18.71
N THR B 126 7.36 7.11 -18.66
CA THR B 126 7.06 6.51 -17.37
C THR B 126 8.32 6.06 -16.66
N GLN B 127 9.30 5.53 -17.39
CA GLN B 127 10.53 5.09 -16.73
C GLN B 127 11.30 6.27 -16.18
N GLY B 128 11.23 7.42 -16.85
CA GLY B 128 11.86 8.62 -16.33
C GLY B 128 11.13 9.12 -15.09
N ALA B 129 9.80 9.08 -15.12
CA ALA B 129 9.01 9.53 -13.98
C ALA B 129 9.23 8.65 -12.76
N GLU B 130 9.50 7.35 -12.96
CA GLU B 130 9.77 6.46 -11.82
C GLU B 130 10.99 6.96 -11.06
N GLU B 131 12.08 7.26 -11.78
CA GLU B 131 13.30 7.72 -11.12
C GLU B 131 13.06 9.07 -10.44
N VAL B 132 12.23 9.91 -11.04
CA VAL B 132 11.92 11.18 -10.39
C VAL B 132 11.12 10.93 -9.12
N LEU B 133 10.14 10.03 -9.18
CA LEU B 133 9.36 9.70 -7.99
C LEU B 133 10.22 9.05 -6.91
N ARG B 134 11.11 8.14 -7.31
CA ARG B 134 12.00 7.50 -6.34
C ARG B 134 12.85 8.51 -5.59
N ALA B 135 13.30 9.56 -6.27
CA ALA B 135 14.12 10.55 -5.59
C ALA B 135 13.32 11.32 -4.54
N HIS B 136 12.15 11.83 -4.93
CA HIS B 136 11.33 12.61 -4.01
C HIS B 136 10.83 11.76 -2.84
N GLU B 137 10.41 10.52 -3.10
CA GLU B 137 9.91 9.67 -2.02
C GLU B 137 11.00 9.36 -1.02
N GLU B 138 12.26 9.32 -1.49
CA GLU B 138 13.38 9.07 -0.60
C GLU B 138 13.69 10.28 0.28
N GLN B 139 13.64 11.50 -0.29
CA GLN B 139 13.83 12.67 0.55
C GLN B 139 12.80 12.71 1.68
N LEU B 140 11.54 12.35 1.37
CA LEU B 140 10.51 12.35 2.40
C LEU B 140 10.79 11.28 3.45
N LYS B 141 11.14 10.07 3.01
CA LYS B 141 11.50 9.00 3.94
C LYS B 141 12.65 9.37 4.87
N GLU B 142 13.60 10.18 4.38
CA GLU B 142 14.87 10.35 5.09
C GLU B 142 14.68 10.98 6.46
N ALA B 143 13.76 11.95 6.59
CA ALA B 143 13.68 12.75 7.81
C ALA B 143 13.07 11.91 8.94
N ALA B 145 14.47 11.87 12.06
CA ALA B 145 14.62 12.62 13.30
C ALA B 145 13.75 13.88 13.27
N VAL B 146 13.15 14.20 14.42
CA VAL B 146 12.31 15.38 14.57
C VAL B 146 13.18 16.57 14.95
N PRO B 147 12.78 17.79 14.61
CA PRO B 147 13.56 18.97 15.03
C PRO B 147 13.47 19.18 16.54
N ALA B 148 14.63 19.40 17.17
CA ALA B 148 14.69 19.59 18.61
C ALA B 148 14.64 21.06 19.03
N THR B 149 15.16 21.96 18.19
CA THR B 149 15.31 23.37 18.54
C THR B 149 14.77 24.23 17.40
N LEU B 150 14.55 25.51 17.70
CA LEU B 150 14.12 26.46 16.67
C LEU B 150 15.08 26.55 15.47
N PRO B 151 16.40 26.61 15.64
CA PRO B 151 17.25 26.59 14.43
C PRO B 151 17.18 25.26 13.69
N GLU B 152 17.06 24.13 14.42
CA GLU B 152 16.93 22.85 13.74
C GLU B 152 15.61 22.76 12.99
N LEU B 153 14.56 23.39 13.53
CA LEU B 153 13.26 23.45 12.87
C LEU B 153 13.34 24.15 11.52
N GLU B 154 13.95 25.34 11.50
CA GLU B 154 14.07 26.09 10.26
C GLU B 154 14.87 25.32 9.22
N ALA B 155 15.84 24.51 9.65
CA ALA B 155 16.61 23.71 8.69
C ALA B 155 15.73 22.64 8.06
N THR B 156 14.89 21.99 8.89
CA THR B 156 13.97 21.00 8.35
C THR B 156 13.02 21.65 7.36
N LYS B 157 12.51 22.84 7.73
CA LYS B 157 11.64 23.62 6.84
C LYS B 157 12.36 23.97 5.53
N ALA B 158 13.63 24.36 5.61
CA ALA B 158 14.37 24.66 4.39
C ALA B 158 14.45 23.44 3.47
N SER B 159 14.73 22.25 4.01
CA SER B 159 14.81 21.06 3.17
C SER B 159 13.46 20.76 2.53
N LEU B 160 12.36 21.00 3.25
CA LEU B 160 11.03 20.78 2.70
C LEU B 160 10.70 21.86 1.68
N LYS B 161 11.21 23.07 1.91
CA LYS B 161 11.00 24.15 0.94
C LYS B 161 11.67 23.77 -0.36
N LYS B 162 12.89 23.23 -0.28
CA LYS B 162 13.61 22.76 -1.46
C LYS B 162 12.81 21.66 -2.15
N LEU B 163 12.38 20.66 -1.37
CA LEU B 163 11.63 19.54 -1.93
C LEU B 163 10.38 20.03 -2.65
N ARG B 164 9.65 20.94 -2.00
CA ARG B 164 8.41 21.46 -2.58
C ARG B 164 8.71 22.11 -3.92
N ALA B 165 9.76 22.95 -3.96
CA ALA B 165 10.16 23.61 -5.20
C ALA B 165 10.55 22.58 -6.26
N GLN B 166 11.31 21.54 -5.87
CA GLN B 166 11.75 20.55 -6.83
C GLN B 166 10.58 19.78 -7.41
N ALA B 167 9.61 19.43 -6.55
CA ALA B 167 8.48 18.63 -7.01
C ALA B 167 7.60 19.48 -7.92
N GLU B 168 7.37 20.73 -7.55
CA GLU B 168 6.59 21.58 -8.42
C GLU B 168 7.30 21.74 -9.77
N ALA B 169 8.64 21.82 -9.76
CA ALA B 169 9.28 22.01 -11.05
C ALA B 169 9.20 20.77 -11.96
N GLN B 170 8.89 19.57 -11.42
CA GLN B 170 8.77 18.39 -12.29
C GLN B 170 7.38 18.29 -12.89
N GLN B 171 6.49 19.22 -12.55
CA GLN B 171 5.13 19.23 -13.09
C GLN B 171 5.10 19.12 -14.61
N PRO B 172 5.91 19.88 -15.36
CA PRO B 172 5.94 19.73 -16.82
C PRO B 172 6.23 18.29 -17.26
N THR B 173 7.10 17.58 -16.54
CA THR B 173 7.44 16.20 -16.91
C THR B 173 6.18 15.35 -16.96
N PHE B 174 5.28 15.51 -15.98
CA PHE B 174 4.09 14.68 -15.86
C PHE B 174 3.00 15.16 -16.81
N ASP B 175 2.94 16.46 -17.09
CA ASP B 175 2.04 16.98 -18.11
C ASP B 175 2.39 16.41 -19.48
N ALA B 176 3.68 16.26 -19.78
CA ALA B 176 4.11 15.71 -21.06
C ALA B 176 3.69 14.25 -21.18
N LEU B 177 3.83 13.50 -20.08
CA LEU B 177 3.44 12.09 -20.05
C LEU B 177 1.96 11.93 -20.39
N ARG B 178 1.10 12.78 -19.83
CA ARG B 178 -0.32 12.69 -20.13
C ARG B 178 -0.58 12.91 -21.61
N ASP B 179 0.07 13.91 -22.22
CA ASP B 179 -0.06 14.12 -23.66
C ASP B 179 0.47 12.94 -24.46
N GLU B 180 1.61 12.36 -24.02
CA GLU B 180 2.19 11.22 -24.71
C GLU B 180 1.26 10.01 -24.64
N LEU B 181 0.63 9.80 -23.47
CA LEU B 181 -0.32 8.71 -23.32
C LEU B 181 -1.56 8.95 -24.17
N ARG B 182 -2.07 10.19 -24.17
CA ARG B 182 -3.22 10.54 -24.99
C ARG B 182 -2.96 10.25 -26.46
N GLY B 183 -1.78 10.66 -26.95
CA GLY B 183 -1.39 10.39 -28.32
C GLY B 183 -1.47 8.91 -28.67
N ALA B 184 -0.94 8.06 -27.78
CA ALA B 184 -0.97 6.62 -28.03
C ALA B 184 -2.39 6.12 -28.05
N GLN B 185 -3.25 6.67 -27.18
CA GLN B 185 -4.65 6.24 -27.17
C GLN B 185 -5.32 6.61 -28.49
N GLU B 186 -5.02 7.81 -29.01
CA GLU B 186 -5.65 8.25 -30.24
C GLU B 186 -5.23 7.40 -31.44
N VAL B 187 -3.94 7.08 -31.54
CA VAL B 187 -3.46 6.25 -32.64
C VAL B 187 -4.11 4.87 -32.59
N GLY B 188 -4.15 4.28 -31.40
CA GLY B 188 -4.79 2.98 -31.24
C GLY B 188 -6.24 3.01 -31.68
N GLU B 189 -6.94 4.11 -31.37
CA GLU B 189 -8.34 4.24 -31.76
C GLU B 189 -8.50 4.30 -33.27
N ARG B 190 -7.64 5.07 -33.95
CA ARG B 190 -7.70 5.13 -35.41
C ARG B 190 -7.40 3.76 -35.99
N LEU B 191 -6.44 3.05 -35.39
CA LEU B 191 -6.13 1.70 -35.85
C LEU B 191 -7.35 0.81 -35.63
N GLN B 192 -7.98 0.95 -34.45
CA GLN B 192 -9.21 0.23 -34.17
C GLN B 192 -10.29 0.58 -35.18
N GLN B 193 -10.42 1.87 -35.49
CA GLN B 193 -11.50 2.34 -36.37
C GLN B 193 -11.23 1.99 -37.83
N ARG B 194 -9.97 1.95 -38.25
CA ARG B 194 -9.65 1.75 -39.66
C ARG B 194 -9.27 0.33 -40.00
N HIS B 195 -8.87 -0.48 -39.02
CA HIS B 195 -8.47 -1.86 -39.31
C HIS B 195 -9.08 -2.88 -38.36
N GLY B 196 -9.96 -2.46 -37.45
CA GLY B 196 -10.73 -3.39 -36.63
C GLY B 196 -9.94 -4.16 -35.61
N GLU B 197 -8.74 -3.71 -35.25
CA GLU B 197 -7.90 -4.42 -34.28
C GLU B 197 -7.84 -3.59 -33.00
N ARG B 198 -8.19 -4.21 -31.88
CA ARG B 198 -8.15 -3.52 -30.60
C ARG B 198 -6.70 -3.23 -30.20
N ASP B 199 -6.54 -2.25 -29.32
CA ASP B 199 -5.23 -1.82 -28.85
C ASP B 199 -4.85 -2.70 -27.66
N VAL B 200 -3.93 -3.64 -27.90
CA VAL B 200 -3.57 -4.61 -26.87
C VAL B 200 -2.54 -4.07 -25.91
N GLU B 201 -1.99 -2.88 -26.17
CA GLU B 201 -0.84 -2.37 -25.45
C GLU B 201 -1.19 -1.20 -24.53
N VAL B 202 -2.13 -0.35 -24.95
CA VAL B 202 -2.30 0.95 -24.31
C VAL B 202 -2.79 0.80 -22.89
N GLU B 203 -3.56 -0.26 -22.61
CA GLU B 203 -4.15 -0.43 -21.28
C GLU B 203 -3.07 -0.57 -20.22
N ARG B 204 -2.02 -1.34 -20.52
CA ARG B 204 -0.89 -1.47 -19.60
C ARG B 204 -0.33 -0.13 -19.17
N TRP B 205 -0.21 0.82 -20.11
CA TRP B 205 0.45 2.08 -19.86
C TRP B 205 -0.50 3.14 -19.35
N ARG B 206 -1.80 3.02 -19.65
CA ARG B 206 -2.77 3.90 -19.02
C ARG B 206 -2.73 3.67 -17.52
N GLU B 207 -2.64 2.40 -17.13
CA GLU B 207 -2.56 2.03 -15.72
C GLU B 207 -1.25 2.52 -15.12
N ARG B 208 -0.15 2.37 -15.85
CA ARG B 208 1.15 2.84 -15.36
C ARG B 208 1.14 4.34 -15.10
N VAL B 209 0.61 5.14 -16.04
CA VAL B 209 0.63 6.60 -15.92
C VAL B 209 -0.24 7.07 -14.76
N ALA B 210 -1.42 6.47 -14.60
CA ALA B 210 -2.33 6.87 -13.53
C ALA B 210 -1.69 6.63 -12.16
N GLN B 211 -1.01 5.50 -12.01
CA GLN B 211 -0.37 5.17 -10.74
C GLN B 211 0.78 6.12 -10.44
N LEU B 212 1.57 6.48 -11.45
CA LEU B 212 2.68 7.40 -11.23
C LEU B 212 2.18 8.78 -10.84
N LEU B 213 1.09 9.23 -11.48
CA LEU B 213 0.49 10.52 -11.14
C LEU B 213 0.02 10.55 -9.69
N GLU B 214 -0.60 9.46 -9.22
CA GLU B 214 -1.10 9.41 -7.85
C GLU B 214 0.05 9.46 -6.85
N ARG B 215 1.10 8.66 -7.08
CA ARG B 215 2.28 8.71 -6.21
C ARG B 215 2.87 10.11 -6.16
N TRP B 216 2.93 10.80 -7.30
CA TRP B 216 3.50 12.13 -7.35
C TRP B 216 2.67 13.11 -6.52
N GLN B 217 1.34 13.03 -6.66
CA GLN B 217 0.45 13.89 -5.89
C GLN B 217 0.63 13.65 -4.40
N ALA B 218 0.88 12.41 -4.00
CA ALA B 218 1.06 12.10 -2.58
C ALA B 218 2.33 12.75 -2.07
N VAL B 219 3.38 12.77 -2.89
CA VAL B 219 4.61 13.46 -2.52
C VAL B 219 4.32 14.94 -2.30
N LEU B 220 3.57 15.56 -3.22
CA LEU B 220 3.22 16.97 -3.08
C LEU B 220 2.38 17.19 -1.84
N ALA B 221 1.41 16.30 -1.62
CA ALA B 221 0.51 16.40 -0.48
C ALA B 221 1.28 16.19 0.82
N GLN B 222 2.13 15.16 0.88
CA GLN B 222 2.84 14.86 2.12
C GLN B 222 3.90 15.91 2.44
N THR B 223 4.46 16.58 1.44
CA THR B 223 5.38 17.68 1.73
C THR B 223 4.61 18.85 2.32
N ASP B 224 3.45 19.14 1.73
CA ASP B 224 2.60 20.23 2.20
C ASP B 224 2.12 19.95 3.63
N VAL B 225 1.74 18.70 3.90
CA VAL B 225 1.30 18.31 5.24
C VAL B 225 2.45 18.48 6.24
N ARG B 226 3.64 17.99 5.86
CA ARG B 226 4.79 18.02 6.75
C ARG B 226 5.20 19.46 7.04
N GLN B 227 5.10 20.33 6.03
CA GLN B 227 5.40 21.74 6.26
C GLN B 227 4.44 22.30 7.29
N ARG B 228 3.15 21.97 7.17
CA ARG B 228 2.13 22.48 8.07
C ARG B 228 2.31 21.93 9.48
N GLU B 229 2.79 20.68 9.59
CA GLU B 229 3.08 20.08 10.89
C GLU B 229 4.06 20.93 11.67
N LEU B 230 5.10 21.42 11.01
CA LEU B 230 6.18 22.11 11.71
C LEU B 230 5.79 23.55 12.06
N GLU B 231 4.90 24.18 11.26
CA GLU B 231 4.37 25.48 11.65
C GLU B 231 3.61 25.38 12.97
N GLN B 232 2.81 24.32 13.13
CA GLN B 232 2.15 24.07 14.40
C GLN B 232 3.13 23.59 15.46
N LEU B 233 4.03 22.66 15.10
CA LEU B 233 5.00 22.15 16.07
C LEU B 233 5.88 23.27 16.61
N GLY B 234 6.35 24.16 15.73
CA GLY B 234 7.16 25.27 16.19
C GLY B 234 6.44 26.17 17.17
N ARG B 235 5.18 26.48 16.89
CA ARG B 235 4.38 27.31 17.80
C ARG B 235 4.30 26.69 19.19
N GLN B 236 4.05 25.37 19.26
CA GLN B 236 3.96 24.72 20.57
C GLN B 236 5.30 24.72 21.29
N LEU B 237 6.41 24.56 20.55
CA LEU B 237 7.72 24.63 21.18
C LEU B 237 7.98 26.03 21.74
N ARG B 238 7.57 27.07 21.00
CA ARG B 238 7.78 28.43 21.47
C ARG B 238 7.03 28.70 22.76
N TYR B 239 5.79 28.24 22.86
CA TYR B 239 5.03 28.52 24.08
C TYR B 239 5.60 27.78 25.28
N TYR B 240 6.09 26.55 25.07
CA TYR B 240 6.60 25.75 26.17
C TYR B 240 7.90 26.33 26.71
N ARG B 241 8.86 26.64 25.83
CA ARG B 241 10.13 27.21 26.28
C ARG B 241 9.95 28.61 26.88
N GLU B 242 8.98 29.38 26.40
CA GLU B 242 8.73 30.68 27.01
C GLU B 242 8.19 30.56 28.43
N SER B 243 7.65 29.41 28.81
CA SER B 243 7.18 29.18 30.17
C SER B 243 8.13 28.31 30.98
N ALA B 244 8.84 27.38 30.35
CA ALA B 244 9.74 26.48 31.07
C ALA B 244 11.05 27.14 31.44
N ASP B 245 11.52 28.11 30.63
CA ASP B 245 12.77 28.78 30.96
C ASP B 245 12.65 29.67 32.19
N PRO B 246 11.62 30.53 32.32
CA PRO B 246 11.53 31.34 33.55
C PRO B 246 11.16 30.52 34.78
N LEU B 247 10.40 29.43 34.62
CA LEU B 247 10.06 28.60 35.76
C LEU B 247 11.29 27.84 36.26
N GLY B 248 12.05 27.22 35.35
CA GLY B 248 13.25 26.51 35.76
C GLY B 248 14.31 27.42 36.33
N ALA B 249 14.41 28.65 35.80
CA ALA B 249 15.35 29.63 36.35
C ALA B 249 14.91 30.12 37.72
N TRP B 250 13.61 30.37 37.90
CA TRP B 250 13.10 30.82 39.20
C TRP B 250 13.30 29.75 40.26
N LEU B 251 13.01 28.49 39.93
CA LEU B 251 13.18 27.40 40.89
C LEU B 251 14.62 27.29 41.37
N GLN B 252 15.57 27.34 40.43
CA GLN B 252 16.99 27.36 40.81
C GLN B 252 17.30 28.53 41.73
N ASP B 253 16.72 29.71 41.46
CA ASP B 253 16.95 30.88 42.30
C ASP B 253 16.37 30.68 43.71
N ALA B 254 15.15 30.16 43.79
CA ALA B 254 14.51 29.97 45.10
C ALA B 254 15.19 28.86 45.89
N ARG B 255 15.56 27.75 45.24
CA ARG B 255 16.26 26.68 45.94
C ARG B 255 17.54 27.18 46.59
N ARG B 256 18.28 28.06 45.88
CA ARG B 256 19.48 28.64 46.45
C ARG B 256 19.16 29.63 47.55
N ARG B 257 18.01 30.32 47.45
CA ARG B 257 17.58 31.18 48.55
C ARG B 257 17.29 30.37 49.80
N GLN B 258 16.66 29.21 49.64
CA GLN B 258 16.37 28.35 50.79
C GLN B 258 17.65 27.86 51.45
N GLU B 259 18.63 27.43 50.65
CA GLU B 259 19.92 27.04 51.20
C GLU B 259 20.58 28.21 51.93
N GLN B 260 20.33 29.45 51.48
CA GLN B 260 20.88 30.62 52.13
C GLN B 260 20.14 30.96 53.42
N ILE B 261 18.81 30.89 53.42
CA ILE B 261 18.04 31.19 54.62
C ILE B 261 18.27 30.14 55.70
N GLN B 262 18.30 28.86 55.32
CA GLN B 262 18.47 27.78 56.29
C GLN B 262 19.81 27.89 57.01
N ALA B 263 20.90 28.00 56.25
CA ALA B 263 22.22 28.07 56.85
C ALA B 263 22.38 29.30 57.73
N MET B 264 21.80 30.43 57.31
CA MET B 264 21.87 31.68 58.07
C MET B 264 21.27 31.52 59.45
N ASP B 268 20.07 33.36 68.33
CA ASP B 268 19.25 33.74 69.48
C ASP B 268 17.79 33.90 69.07
N SER B 269 16.93 34.18 70.04
CA SER B 269 15.48 34.26 69.78
C SER B 269 15.15 35.43 68.85
N GLN B 270 15.87 36.55 68.97
CA GLN B 270 15.60 37.70 68.11
C GLN B 270 15.87 37.38 66.64
N ALA B 271 17.02 36.77 66.35
CA ALA B 271 17.34 36.42 64.96
C ALA B 271 16.48 35.26 64.46
N VAL B 272 16.21 34.27 65.31
CA VAL B 272 15.42 33.10 64.92
C VAL B 272 14.02 33.52 64.50
N ARG B 273 13.43 34.48 65.22
CA ARG B 273 12.12 35.00 64.84
C ARG B 273 12.14 35.59 63.42
N GLU B 274 13.23 36.26 63.05
CA GLU B 274 13.35 36.85 61.71
C GLU B 274 13.40 35.78 60.63
N GLN B 275 14.08 34.66 60.89
CA GLN B 275 14.15 33.59 59.90
C GLN B 275 12.76 33.07 59.56
N LEU B 276 11.91 32.83 60.57
CA LEU B 276 10.54 32.43 60.31
C LEU B 276 9.79 33.48 59.51
N ARG B 277 10.07 34.76 59.77
CA ARG B 277 9.42 35.82 59.01
C ARG B 277 9.85 35.77 57.54
N GLN B 278 11.16 35.65 57.29
CA GLN B 278 11.65 35.59 55.91
C GLN B 278 11.23 34.31 55.21
N GLU B 279 11.27 33.17 55.92
CA GLU B 279 10.79 31.92 55.35
C GLU B 279 9.33 32.02 54.97
N GLN B 280 8.52 32.65 55.83
CA GLN B 280 7.10 32.85 55.53
C GLN B 280 6.92 33.68 54.27
N ALA B 281 7.83 34.62 54.02
CA ALA B 281 7.77 35.40 52.79
C ALA B 281 8.06 34.54 51.56
N LEU B 282 9.06 33.65 51.66
CA LEU B 282 9.38 32.78 50.53
C LEU B 282 8.21 31.84 50.22
N LEU B 283 7.60 31.26 51.26
CA LEU B 283 6.47 30.36 51.05
C LEU B 283 5.36 31.03 50.27
N GLU B 284 5.17 32.34 50.45
CA GLU B 284 4.20 33.07 49.64
C GLU B 284 4.63 33.10 48.17
N GLU B 285 5.92 33.30 47.92
CA GLU B 285 6.43 33.36 46.55
C GLU B 285 6.20 32.05 45.83
N ILE B 286 6.50 30.92 46.49
CA ILE B 286 6.27 29.62 45.86
C ILE B 286 4.80 29.44 45.54
N GLU B 287 3.93 29.75 46.51
CA GLU B 287 2.50 29.56 46.31
C GLU B 287 1.98 30.41 45.17
N ARG B 288 2.48 31.65 45.04
CA ARG B 288 2.09 32.49 43.92
C ARG B 288 2.54 31.89 42.59
N HIS B 289 3.66 31.16 42.58
CA HIS B 289 4.17 30.52 41.38
C HIS B 289 3.47 29.21 41.05
N GLY B 290 2.54 28.76 41.90
CA GLY B 290 1.79 27.55 41.60
C GLY B 290 1.06 27.63 40.27
N GLU B 291 0.59 28.83 39.91
CA GLU B 291 -0.07 29.00 38.63
C GLU B 291 0.90 28.83 37.45
N LYS B 292 2.12 29.37 37.58
CA LYS B 292 3.09 29.28 36.48
C LYS B 292 3.52 27.84 36.22
N VAL B 293 3.44 26.97 37.23
CA VAL B 293 3.74 25.55 37.00
C VAL B 293 2.62 24.89 36.21
N GLU B 294 1.37 25.07 36.65
CA GLU B 294 0.25 24.52 35.90
C GLU B 294 0.20 25.11 34.50
N GLU B 295 0.55 26.40 34.36
CA GLU B 295 0.68 27.00 33.04
C GLU B 295 1.73 26.31 32.20
N CYS B 296 2.91 26.06 32.78
CA CYS B 296 3.97 25.34 32.06
C CYS B 296 3.54 23.91 31.75
N GLN B 297 2.83 23.26 32.69
CA GLN B 297 2.31 21.92 32.43
C GLN B 297 1.36 21.90 31.24
N ARG B 298 0.52 22.92 31.11
CA ARG B 298 -0.40 23.00 29.99
C ARG B 298 0.35 23.11 28.67
N PHE B 299 1.32 24.03 28.59
CA PHE B 299 2.11 24.20 27.38
C PHE B 299 2.87 22.92 27.02
N ALA B 300 3.47 22.27 28.04
CA ALA B 300 4.19 21.03 27.77
C ALA B 300 3.25 19.95 27.25
N LYS B 301 2.03 19.86 27.80
CA LYS B 301 1.07 18.88 27.33
C LYS B 301 0.71 19.09 25.86
N GLN B 302 0.49 20.34 25.46
CA GLN B 302 0.19 20.62 24.06
C GLN B 302 1.40 20.37 23.16
N TYR B 303 2.59 20.76 23.63
CA TYR B 303 3.81 20.54 22.85
C TYR B 303 4.14 19.06 22.71
N ILE B 304 3.98 18.29 23.80
CA ILE B 304 4.22 16.84 23.71
C ILE B 304 3.28 16.21 22.69
N ASN B 305 2.01 16.60 22.71
CA ASN B 305 1.06 16.08 21.73
C ASN B 305 1.47 16.47 20.31
N ALA B 306 1.98 17.69 20.13
CA ALA B 306 2.30 18.16 18.78
C ALA B 306 3.49 17.41 18.18
N ILE B 307 4.54 17.16 18.98
CA ILE B 307 5.68 16.40 18.46
C ILE B 307 5.27 14.97 18.11
N LYS B 308 4.29 14.42 18.84
CA LYS B 308 3.81 13.07 18.55
C LYS B 308 3.09 13.00 17.21
N ASP B 309 2.32 14.04 16.86
CA ASP B 309 1.60 14.03 15.60
C ASP B 309 2.56 13.98 14.42
N TYR B 310 3.63 14.78 14.48
CA TYR B 310 4.62 14.79 13.41
C TYR B 310 5.29 13.43 13.28
N GLU B 311 5.59 12.79 14.41
CA GLU B 311 6.28 11.49 14.37
C GLU B 311 5.42 10.42 13.73
N LEU B 312 4.17 10.27 14.18
CA LEU B 312 3.26 9.29 13.58
C LEU B 312 2.92 9.67 12.15
N GLN B 313 2.91 10.97 11.83
CA GLN B 313 2.73 11.42 10.46
C GLN B 313 3.78 10.82 9.53
N LEU B 314 5.02 10.74 9.99
CA LEU B 314 6.14 10.28 9.15
C LEU B 314 6.18 8.76 9.06
N VAL B 315 5.91 8.06 10.16
CA VAL B 315 5.89 6.60 10.14
C VAL B 315 4.77 6.09 9.26
N THR B 316 3.65 6.82 9.21
CA THR B 316 2.56 6.47 8.31
C THR B 316 3.02 6.47 6.85
N TYR B 317 3.56 7.60 6.39
CA TYR B 317 4.02 7.69 5.01
C TYR B 317 5.10 6.65 4.72
N LYS B 318 6.04 6.47 5.67
CA LYS B 318 7.12 5.52 5.44
C LYS B 318 6.61 4.09 5.32
N ALA B 319 5.52 3.77 6.01
CA ALA B 319 4.96 2.43 5.93
C ALA B 319 4.24 2.19 4.61
N GLN B 320 3.46 3.17 4.15
CA GLN B 320 2.69 2.99 2.92
C GLN B 320 3.60 2.67 1.73
N LEU B 321 4.73 3.39 1.63
CA LEU B 321 5.66 3.16 0.51
C LEU B 321 6.36 1.81 0.66
N GLU B 322 6.75 1.45 1.88
CA GLU B 322 7.41 0.17 2.10
C GLU B 322 6.43 -0.99 2.00
N GLN B 334 14.20 6.70 18.32
CA GLN B 334 13.76 6.66 19.71
C GLN B 334 12.44 7.41 19.86
N SER B 335 12.25 8.05 21.01
CA SER B 335 11.05 8.82 21.33
C SER B 335 11.41 10.30 21.45
N GLY B 336 10.72 11.14 20.68
CA GLY B 336 11.01 12.57 20.71
C GLY B 336 10.70 13.21 22.05
N SER B 337 9.51 12.94 22.57
CA SER B 337 9.07 13.57 23.81
C SER B 337 9.81 13.07 25.05
N GLU B 338 10.52 11.93 24.96
CA GLU B 338 11.23 11.39 26.13
C GLU B 338 12.15 12.44 26.75
N SER B 339 12.85 13.21 25.92
CA SER B 339 13.63 14.33 26.44
C SER B 339 12.73 15.40 27.05
N VAL B 340 11.63 15.73 26.36
CA VAL B 340 10.69 16.74 26.86
C VAL B 340 9.94 16.24 28.09
N ILE B 341 9.57 14.95 28.10
CA ILE B 341 8.92 14.39 29.27
C ILE B 341 9.81 14.57 30.50
N GLN B 342 11.09 14.19 30.39
CA GLN B 342 12.01 14.28 31.53
C GLN B 342 12.14 15.70 32.04
N GLU B 343 12.07 16.69 31.14
CA GLU B 343 12.18 18.09 31.54
C GLU B 343 11.07 18.48 32.51
N TYR B 344 9.82 18.23 32.13
CA TYR B 344 8.69 18.58 33.00
C TYR B 344 8.74 17.78 34.30
N VAL B 345 9.15 16.52 34.24
CA VAL B 345 9.25 15.71 35.44
C VAL B 345 10.23 16.34 36.43
N ASP B 346 11.41 16.72 35.93
CA ASP B 346 12.40 17.33 36.80
C ASP B 346 11.93 18.66 37.37
N LEU B 347 11.20 19.45 36.58
CA LEU B 347 10.72 20.74 37.07
C LEU B 347 9.65 20.57 38.14
N ARG B 348 8.68 19.67 37.89
CA ARG B 348 7.62 19.44 38.89
C ARG B 348 8.19 18.87 40.17
N THR B 349 9.22 18.03 40.08
CA THR B 349 9.86 17.48 41.27
C THR B 349 10.49 18.59 42.11
N HIS B 350 11.25 19.49 41.48
CA HIS B 350 11.90 20.57 42.23
C HIS B 350 10.87 21.47 42.90
N TYR B 351 9.77 21.77 42.22
CA TYR B 351 8.75 22.62 42.82
C TYR B 351 8.08 21.91 44.00
N SER B 352 7.74 20.62 43.84
CA SER B 352 7.19 19.87 44.96
C SER B 352 8.22 19.73 46.08
N GLU B 353 9.49 19.50 45.73
CA GLU B 353 10.54 19.44 46.73
C GLU B 353 10.72 20.79 47.43
N LEU B 354 10.70 21.88 46.68
CA LEU B 354 10.89 23.20 47.26
C LEU B 354 9.75 23.57 48.21
N THR B 355 8.50 23.34 47.79
CA THR B 355 7.35 23.64 48.63
C THR B 355 7.40 22.88 49.94
N THR B 356 7.67 21.56 49.86
CA THR B 356 7.76 20.73 51.05
C THR B 356 8.89 21.20 51.95
N LEU B 357 10.08 21.39 51.37
CA LEU B 357 11.25 21.79 52.17
C LEU B 357 11.03 23.13 52.84
N THR B 358 10.44 24.09 52.13
CA THR B 358 10.14 25.37 52.75
C THR B 358 9.05 25.24 53.81
N SER B 359 7.98 24.50 53.51
CA SER B 359 6.89 24.37 54.45
C SER B 359 7.32 23.63 55.72
N GLN B 360 8.07 22.53 55.55
CA GLN B 360 8.51 21.76 56.71
C GLN B 360 9.48 22.57 57.55
N TYR B 361 10.31 23.40 56.92
CA TYR B 361 11.31 24.17 57.66
C TYR B 361 10.66 25.27 58.48
N ILE B 362 9.55 25.85 58.01
CA ILE B 362 8.82 26.82 58.81
C ILE B 362 8.29 26.17 60.08
N LYS B 363 7.74 24.95 59.97
CA LYS B 363 7.28 24.24 61.16
C LYS B 363 8.42 23.97 62.13
N PHE B 364 9.58 23.53 61.60
CA PHE B 364 10.73 23.26 62.47
C PHE B 364 11.24 24.54 63.13
N ILE B 365 11.13 25.68 62.46
CA ILE B 365 11.50 26.94 63.09
C ILE B 365 10.46 27.35 64.13
N SER B 366 9.18 27.05 63.85
CA SER B 366 8.10 27.50 64.72
C SER B 366 8.25 26.90 66.12
N GLU B 367 8.57 25.61 66.21
CA GLU B 367 8.74 24.99 67.52
C GLU B 367 10.06 25.39 68.19
N THR B 368 11.10 25.65 67.39
CA THR B 368 12.38 26.07 67.98
C THR B 368 12.25 27.45 68.62
N LEU B 369 11.49 28.34 68.01
CA LEU B 369 11.23 29.65 68.60
C LEU B 369 10.23 29.58 69.74
N ARG B 370 9.35 28.58 69.74
CA ARG B 370 8.39 28.42 70.83
C ARG B 370 9.02 27.78 72.06
N ARG B 371 10.01 26.90 71.88
CA ARG B 371 10.67 26.29 73.03
C ARG B 371 11.59 27.27 73.73
N MET B 372 12.31 28.12 72.99
CA MET B 372 13.17 29.15 73.55
C MET B 372 12.41 30.06 74.52
#